data_7T2A
#
_entry.id   7T2A
#
_cell.length_a   101.669
_cell.length_b   101.669
_cell.length_c   215.187
_cell.angle_alpha   90.000
_cell.angle_beta   90.000
_cell.angle_gamma   90.000
#
_symmetry.space_group_name_H-M   'P 41 21 2'
#
loop_
_entity.id
_entity.type
_entity.pdbx_description
1 polymer 'HLA class II histocompatibility antigen, DP alpha 1 chain'
2 polymer 'HLA class II histocompatibility antigen, DP beta 1 chain'
3 polymer 'Pneumolysin-derived peptide'
4 non-polymer 2-acetamido-2-deoxy-beta-D-glucopyranose
#
loop_
_entity_poly.entity_id
_entity_poly.type
_entity_poly.pdbx_seq_one_letter_code
_entity_poly.pdbx_strand_id
1 'polypeptide(L)'
;IKADHVSTYAAFVQTHRPTGEFMFEFDEDEMFYVDLDKKETVWHLEEFGQAFSFEAQGGLANIAILNNNLNTLIQRSNHT
QATNDPPEVTVFPKEPVELGQPNTLICHIDKFFPPVLNVTWLCNGELVTEGVAESLFLPRTDYSFHKFHYLTFVPSAEDF
YDCRVEHWGLDQPLLKHWEAQ
;
A,D
2 'polypeptide(L)'
;RATPENYLFQGRQECYAFNGTQRFLERYIYNREEFARFDSDVGEFRAVTELGRPAAEYWNSQKDILEEKRAVPDRMCRHN
YELGGPMTLQRRVQPRVNVSPSKKGPLQHHNLLVCHVTDFYPGSIQVRWFLNGQEETAGVVSTNLIRNGDWTFQILVMLE
MTPQQGDVYTCQVEHTSLDSPVTVEWKA
;
B,E
3 'polypeptide(L)' GATGLAWEWWRTVYE C,F
#
# COMPACT_ATOMS: atom_id res chain seq x y z
N ILE A 1 3.26 -5.34 -6.23
CA ILE A 1 4.57 -4.86 -6.64
C ILE A 1 4.88 -5.33 -8.07
N LYS A 2 5.22 -4.38 -8.95
CA LYS A 2 5.58 -4.71 -10.31
C LYS A 2 6.89 -5.51 -10.31
N ALA A 3 6.87 -6.70 -10.91
CA ALA A 3 8.05 -7.55 -10.93
C ALA A 3 7.97 -8.49 -12.12
N ASP A 4 9.07 -8.61 -12.86
CA ASP A 4 9.14 -9.60 -13.92
C ASP A 4 9.26 -11.01 -13.36
N HIS A 5 10.10 -11.19 -12.35
CA HIS A 5 10.27 -12.46 -11.68
C HIS A 5 10.47 -12.21 -10.19
N VAL A 6 10.08 -13.19 -9.37
CA VAL A 6 10.15 -13.08 -7.93
C VAL A 6 10.91 -14.29 -7.38
N SER A 7 12.05 -14.04 -6.76
CA SER A 7 12.84 -15.06 -6.08
C SER A 7 12.65 -14.88 -4.58
N THR A 8 12.29 -15.96 -3.88
CA THR A 8 11.92 -15.88 -2.48
C THR A 8 12.55 -17.01 -1.69
N TYR A 9 13.19 -16.67 -0.57
CA TYR A 9 13.57 -17.64 0.44
C TYR A 9 12.41 -17.83 1.40
N ALA A 10 12.02 -19.09 1.61
CA ALA A 10 10.91 -19.42 2.49
C ALA A 10 11.34 -20.48 3.49
N ALA A 11 10.91 -20.30 4.74
CA ALA A 11 11.28 -21.21 5.80
C ALA A 11 10.30 -21.08 6.95
N PHE A 12 10.03 -22.20 7.61
CA PHE A 12 9.14 -22.21 8.76
C PHE A 12 9.61 -23.25 9.76
N VAL A 13 9.22 -23.04 11.03
CA VAL A 13 9.43 -24.02 12.09
C VAL A 13 8.11 -24.15 12.85
N GLN A 14 7.82 -25.35 13.33
CA GLN A 14 6.58 -25.58 14.07
C GLN A 14 6.80 -26.72 15.05
N THR A 15 5.71 -27.20 15.65
CA THR A 15 5.78 -28.20 16.71
C THR A 15 5.62 -29.63 16.21
N HIS A 16 4.82 -29.85 15.17
CA HIS A 16 4.50 -31.18 14.68
C HIS A 16 4.99 -31.38 13.26
N ARG A 17 4.67 -32.55 12.70
CA ARG A 17 4.87 -32.99 11.32
C ARG A 17 6.29 -32.60 10.87
N PRO A 18 6.57 -31.61 9.94
CA PRO A 18 7.98 -31.22 9.79
C PRO A 18 8.33 -30.05 10.68
N THR A 19 9.19 -30.29 11.67
CA THR A 19 9.56 -29.25 12.62
C THR A 19 10.33 -28.12 11.96
N GLY A 20 10.74 -28.27 10.70
CA GLY A 20 11.47 -27.22 10.02
C GLY A 20 11.57 -27.51 8.54
N GLU A 21 11.73 -26.43 7.77
CA GLU A 21 11.88 -26.52 6.33
C GLU A 21 12.49 -25.23 5.83
N PHE A 22 13.43 -25.33 4.90
CA PHE A 22 14.14 -24.18 4.36
C PHE A 22 14.30 -24.40 2.86
N MET A 23 13.65 -23.57 2.06
CA MET A 23 13.63 -23.74 0.61
C MET A 23 13.76 -22.39 -0.08
N PHE A 24 14.00 -22.44 -1.38
CA PHE A 24 14.15 -21.26 -2.22
C PHE A 24 13.38 -21.48 -3.51
N GLU A 25 12.46 -20.57 -3.83
CA GLU A 25 11.59 -20.72 -4.99
C GLU A 25 11.79 -19.57 -5.96
N PHE A 26 11.60 -19.86 -7.25
CA PHE A 26 11.69 -18.88 -8.32
C PHE A 26 10.42 -18.95 -9.14
N ASP A 27 9.62 -17.88 -9.11
CA ASP A 27 8.31 -17.85 -9.75
C ASP A 27 7.45 -19.02 -9.28
N GLU A 28 7.32 -19.14 -7.95
CA GLU A 28 6.48 -20.13 -7.27
C GLU A 28 6.91 -21.57 -7.53
N ASP A 29 8.10 -21.79 -8.06
CA ASP A 29 8.64 -23.13 -8.29
C ASP A 29 9.83 -23.35 -7.37
N GLU A 30 9.75 -24.39 -6.54
CA GLU A 30 10.82 -24.69 -5.60
C GLU A 30 12.07 -25.11 -6.36
N MET A 31 13.17 -24.40 -6.12
CA MET A 31 14.42 -24.66 -6.83
C MET A 31 15.33 -25.60 -6.03
N PHE A 32 15.51 -25.33 -4.74
CA PHE A 32 16.29 -26.19 -3.87
C PHE A 32 15.85 -25.98 -2.44
N TYR A 33 16.23 -26.92 -1.59
CA TYR A 33 15.96 -26.83 -0.16
C TYR A 33 17.13 -27.45 0.60
N VAL A 34 17.08 -27.31 1.93
CA VAL A 34 18.10 -27.86 2.82
C VAL A 34 17.46 -29.00 3.59
N ASP A 35 17.98 -30.21 3.40
CA ASP A 35 17.42 -31.40 4.03
C ASP A 35 17.89 -31.46 5.47
N LEU A 36 17.07 -30.93 6.37
CA LEU A 36 17.29 -31.16 7.80
C LEU A 36 17.22 -32.65 8.09
N ASP A 37 18.02 -33.09 9.06
CA ASP A 37 18.28 -34.49 9.43
C ASP A 37 19.35 -35.11 8.54
N LYS A 38 19.55 -34.56 7.34
CA LYS A 38 20.68 -34.94 6.49
C LYS A 38 21.62 -33.80 6.20
N LYS A 39 21.15 -32.55 6.25
CA LYS A 39 22.01 -31.36 6.28
C LYS A 39 22.87 -31.26 5.02
N GLU A 40 22.21 -31.41 3.87
CA GLU A 40 22.81 -31.17 2.58
C GLU A 40 21.79 -30.51 1.67
N THR A 41 22.26 -29.73 0.71
CA THR A 41 21.38 -29.04 -0.21
C THR A 41 20.84 -30.02 -1.25
N VAL A 42 19.52 -30.15 -1.33
CA VAL A 42 18.87 -31.03 -2.28
C VAL A 42 18.22 -30.18 -3.36
N TRP A 43 18.63 -30.40 -4.61
CA TRP A 43 18.12 -29.62 -5.74
C TRP A 43 16.94 -30.34 -6.38
N HIS A 44 15.96 -29.55 -6.82
CA HIS A 44 14.76 -30.14 -7.43
C HIS A 44 15.11 -30.82 -8.74
N LEU A 45 15.84 -30.13 -9.62
CA LEU A 45 16.29 -30.69 -10.89
C LEU A 45 17.79 -30.94 -10.82
N GLU A 46 18.23 -32.06 -11.41
CA GLU A 46 19.64 -32.41 -11.38
C GLU A 46 20.50 -31.36 -12.07
N GLU A 47 19.95 -30.71 -13.10
CA GLU A 47 20.69 -29.68 -13.81
C GLU A 47 20.96 -28.45 -12.96
N PHE A 48 20.17 -28.24 -11.90
CA PHE A 48 20.40 -27.09 -11.03
C PHE A 48 21.67 -27.27 -10.20
N GLY A 49 21.90 -28.48 -9.68
CA GLY A 49 23.07 -28.74 -8.88
C GLY A 49 24.37 -28.65 -9.63
N GLN A 50 24.34 -28.84 -10.95
CA GLN A 50 25.55 -28.78 -11.77
C GLN A 50 25.95 -27.35 -12.11
N ALA A 51 25.05 -26.38 -11.95
CA ALA A 51 25.33 -25.00 -12.28
C ALA A 51 25.41 -24.08 -11.07
N PHE A 52 24.92 -24.50 -9.91
CA PHE A 52 24.93 -23.67 -8.71
C PHE A 52 25.34 -24.53 -7.52
N SER A 53 25.52 -23.85 -6.38
CA SER A 53 25.79 -24.51 -5.12
C SER A 53 25.29 -23.61 -4.00
N PHE A 54 24.98 -24.23 -2.85
CA PHE A 54 24.41 -23.52 -1.73
C PHE A 54 25.02 -24.02 -0.43
N GLU A 55 25.39 -23.09 0.45
CA GLU A 55 25.89 -23.44 1.77
C GLU A 55 24.71 -23.91 2.61
N ALA A 56 24.59 -25.24 2.76
CA ALA A 56 23.41 -25.80 3.42
C ALA A 56 23.28 -25.34 4.86
N GLN A 57 24.38 -24.94 5.50
CA GLN A 57 24.32 -24.48 6.88
C GLN A 57 23.62 -23.14 7.02
N GLY A 58 23.49 -22.37 5.92
CA GLY A 58 22.70 -21.15 5.98
C GLY A 58 21.25 -21.42 6.31
N GLY A 59 20.73 -22.57 5.88
CA GLY A 59 19.38 -22.96 6.25
C GLY A 59 19.32 -23.47 7.68
N LEU A 60 20.24 -24.36 8.04
CA LEU A 60 20.30 -24.85 9.41
C LEU A 60 20.46 -23.70 10.40
N ALA A 61 21.23 -22.67 10.03
CA ALA A 61 21.37 -21.50 10.89
C ALA A 61 20.06 -20.73 10.96
N ASN A 62 19.45 -20.43 9.80
CA ASN A 62 18.20 -19.69 9.79
C ASN A 62 17.10 -20.44 10.51
N ILE A 63 17.11 -21.78 10.43
CA ILE A 63 16.11 -22.56 11.17
C ILE A 63 16.29 -22.38 12.67
N ALA A 64 17.54 -22.40 13.13
CA ALA A 64 17.81 -22.18 14.55
C ALA A 64 17.37 -20.78 14.98
N ILE A 65 17.55 -19.79 14.11
CA ILE A 65 17.10 -18.44 14.42
C ILE A 65 15.58 -18.39 14.52
N LEU A 66 14.89 -18.99 13.55
CA LEU A 66 13.44 -19.05 13.61
C LEU A 66 12.93 -19.88 14.77
N ASN A 67 13.77 -20.79 15.29
CA ASN A 67 13.34 -21.59 16.43
C ASN A 67 13.16 -20.73 17.68
N ASN A 68 14.13 -19.87 17.98
CA ASN A 68 14.00 -19.02 19.16
C ASN A 68 12.97 -17.92 18.93
N ASN A 69 12.86 -17.42 17.69
CA ASN A 69 11.79 -16.46 17.39
C ASN A 69 10.42 -17.09 17.61
N LEU A 70 10.30 -18.39 17.37
CA LEU A 70 9.05 -19.08 17.67
C LEU A 70 8.77 -19.09 19.17
N ASN A 71 9.76 -19.50 19.96
CA ASN A 71 9.59 -19.52 21.42
C ASN A 71 9.28 -18.13 21.95
N THR A 72 10.01 -17.11 21.45
CA THR A 72 9.72 -15.74 21.87
C THR A 72 8.31 -15.33 21.48
N LEU A 73 7.88 -15.68 20.27
CA LEU A 73 6.53 -15.34 19.84
C LEU A 73 5.47 -16.18 20.55
N ILE A 74 5.81 -17.41 20.93
CA ILE A 74 4.86 -18.23 21.69
C ILE A 74 4.51 -17.56 23.02
N GLN A 75 5.50 -16.96 23.68
CA GLN A 75 5.25 -16.32 24.95
C GLN A 75 4.44 -15.04 24.79
N ARG A 76 4.83 -14.17 23.86
CA ARG A 76 4.15 -12.90 23.69
C ARG A 76 2.74 -13.07 23.15
N SER A 77 2.49 -14.13 22.38
CA SER A 77 1.18 -14.36 21.78
C SER A 77 0.18 -15.01 22.74
N ASN A 78 0.54 -15.13 24.02
CA ASN A 78 -0.35 -15.74 25.03
C ASN A 78 -0.73 -17.17 24.65
N HIS A 79 0.20 -17.89 24.04
CA HIS A 79 0.00 -19.29 23.64
C HIS A 79 -1.23 -19.46 22.75
N THR A 80 -1.30 -18.65 21.70
CA THR A 80 -2.44 -18.69 20.78
C THR A 80 -2.11 -19.58 19.59
N GLN A 81 -3.01 -20.51 19.28
CA GLN A 81 -2.87 -21.42 18.16
C GLN A 81 -3.86 -21.03 17.06
N ALA A 82 -3.38 -21.03 15.82
CA ALA A 82 -4.18 -20.57 14.70
C ALA A 82 -5.32 -21.55 14.41
N THR A 83 -6.26 -21.09 13.59
CA THR A 83 -7.40 -21.91 13.17
C THR A 83 -6.98 -22.86 12.05
N ASN A 84 -7.42 -24.10 12.15
CA ASN A 84 -7.14 -25.10 11.12
C ASN A 84 -7.94 -24.77 9.86
N ASP A 85 -7.23 -24.62 8.73
CA ASP A 85 -7.88 -24.31 7.46
C ASP A 85 -7.94 -25.56 6.61
N PRO A 86 -9.13 -26.03 6.24
CA PRO A 86 -9.21 -27.27 5.45
C PRO A 86 -8.61 -27.08 4.07
N PRO A 87 -8.14 -28.16 3.44
CA PRO A 87 -7.51 -28.02 2.13
C PRO A 87 -8.44 -28.31 0.96
N GLU A 88 -8.06 -27.83 -0.22
CA GLU A 88 -8.72 -28.20 -1.48
C GLU A 88 -7.84 -29.21 -2.20
N VAL A 89 -8.43 -30.31 -2.65
CA VAL A 89 -7.71 -31.40 -3.28
C VAL A 89 -8.19 -31.56 -4.71
N THR A 90 -7.25 -31.67 -5.65
CA THR A 90 -7.54 -31.95 -7.04
C THR A 90 -6.57 -32.99 -7.56
N VAL A 91 -7.08 -33.90 -8.39
CA VAL A 91 -6.28 -34.98 -8.96
C VAL A 91 -6.36 -34.88 -10.48
N PHE A 92 -5.20 -34.95 -11.15
CA PHE A 92 -5.13 -34.83 -12.59
C PHE A 92 -3.86 -35.50 -13.07
N PRO A 93 -3.85 -36.04 -14.29
CA PRO A 93 -2.63 -36.68 -14.82
C PRO A 93 -1.66 -35.66 -15.40
N LYS A 94 -0.39 -36.07 -15.44
CA LYS A 94 0.64 -35.20 -16.01
C LYS A 94 0.61 -35.20 -17.54
N GLU A 95 0.35 -36.35 -18.13
CA GLU A 95 0.30 -36.53 -19.58
C GLU A 95 -1.09 -36.96 -20.01
N PRO A 96 -1.43 -36.81 -21.29
CA PRO A 96 -2.72 -37.32 -21.77
C PRO A 96 -2.86 -38.81 -21.51
N VAL A 97 -4.04 -39.20 -21.03
CA VAL A 97 -4.27 -40.58 -20.62
C VAL A 97 -4.35 -41.47 -21.85
N GLU A 98 -3.44 -42.45 -21.93
CA GLU A 98 -3.43 -43.44 -22.99
C GLU A 98 -3.17 -44.81 -22.38
N LEU A 99 -4.00 -45.79 -22.73
CA LEU A 99 -3.85 -47.13 -22.19
C LEU A 99 -2.51 -47.73 -22.62
N GLY A 100 -1.73 -48.19 -21.64
CA GLY A 100 -0.42 -48.74 -21.88
C GLY A 100 0.70 -47.74 -21.92
N GLN A 101 0.40 -46.44 -21.83
CA GLN A 101 1.42 -45.41 -21.84
C GLN A 101 1.66 -44.94 -20.41
N PRO A 102 2.84 -45.19 -19.82
CA PRO A 102 3.07 -44.79 -18.43
C PRO A 102 2.86 -43.30 -18.22
N ASN A 103 2.24 -42.96 -17.09
CA ASN A 103 1.87 -41.58 -16.79
C ASN A 103 2.16 -41.32 -15.31
N THR A 104 1.91 -40.08 -14.89
CA THR A 104 2.07 -39.68 -13.50
C THR A 104 0.78 -39.01 -13.03
N LEU A 105 0.18 -39.56 -11.97
CA LEU A 105 -1.02 -39.00 -11.40
C LEU A 105 -0.64 -37.97 -10.34
N ILE A 106 -1.10 -36.73 -10.52
CA ILE A 106 -0.71 -35.61 -9.66
C ILE A 106 -1.87 -35.30 -8.74
N CYS A 107 -1.60 -35.33 -7.43
CA CYS A 107 -2.58 -34.95 -6.41
C CYS A 107 -2.11 -33.64 -5.79
N HIS A 108 -2.91 -32.58 -5.99
CA HIS A 108 -2.55 -31.24 -5.52
C HIS A 108 -3.41 -30.90 -4.31
N ILE A 109 -2.75 -30.64 -3.18
CA ILE A 109 -3.40 -30.19 -1.96
C ILE A 109 -3.08 -28.72 -1.78
N ASP A 110 -4.11 -27.90 -1.53
CA ASP A 110 -3.95 -26.45 -1.60
C ASP A 110 -4.74 -25.75 -0.50
N LYS A 111 -4.18 -24.63 -0.04
CA LYS A 111 -4.89 -23.67 0.82
C LYS A 111 -5.19 -24.26 2.21
N PHE A 112 -4.18 -24.89 2.82
CA PHE A 112 -4.34 -25.47 4.14
C PHE A 112 -3.32 -24.90 5.10
N PHE A 113 -3.64 -25.03 6.40
CA PHE A 113 -2.78 -24.59 7.50
C PHE A 113 -3.30 -25.28 8.75
N PRO A 114 -2.43 -25.81 9.63
CA PRO A 114 -0.96 -25.81 9.60
C PRO A 114 -0.39 -26.83 8.60
N PRO A 115 0.94 -26.78 8.35
CA PRO A 115 1.53 -27.80 7.45
C PRO A 115 1.71 -29.14 8.16
N VAL A 116 0.57 -29.77 8.47
CA VAL A 116 0.53 -31.09 9.08
C VAL A 116 -0.45 -31.92 8.26
N LEU A 117 0.06 -32.89 7.52
CA LEU A 117 -0.75 -33.55 6.49
C LEU A 117 -0.37 -35.02 6.37
N ASN A 118 -1.39 -35.87 6.22
CA ASN A 118 -1.24 -37.27 5.88
C ASN A 118 -1.85 -37.47 4.49
N VAL A 119 -1.02 -37.82 3.51
CA VAL A 119 -1.46 -38.07 2.14
C VAL A 119 -1.07 -39.49 1.77
N THR A 120 -2.00 -40.23 1.18
CA THR A 120 -1.75 -41.61 0.81
C THR A 120 -2.53 -41.95 -0.46
N TRP A 121 -1.93 -42.77 -1.32
CA TRP A 121 -2.56 -43.19 -2.57
C TRP A 121 -3.30 -44.51 -2.36
N LEU A 122 -4.40 -44.66 -3.10
CA LEU A 122 -5.20 -45.88 -3.07
C LEU A 122 -5.57 -46.27 -4.49
N CYS A 123 -5.25 -47.50 -4.87
CA CYS A 123 -5.62 -48.05 -6.17
C CYS A 123 -6.54 -49.24 -5.96
N ASN A 124 -7.76 -49.15 -6.48
CA ASN A 124 -8.78 -50.19 -6.33
C ASN A 124 -9.04 -50.51 -4.85
N GLY A 125 -8.82 -49.52 -3.99
CA GLY A 125 -9.14 -49.65 -2.59
C GLY A 125 -8.05 -50.17 -1.68
N GLU A 126 -6.83 -50.32 -2.18
CA GLU A 126 -5.73 -50.78 -1.34
C GLU A 126 -4.54 -49.84 -1.47
N LEU A 127 -3.70 -49.85 -0.43
CA LEU A 127 -2.61 -48.90 -0.31
C LEU A 127 -1.56 -49.09 -1.40
N VAL A 128 -1.05 -47.98 -1.92
CA VAL A 128 0.02 -47.99 -2.91
C VAL A 128 1.24 -47.33 -2.26
N THR A 129 2.31 -48.12 -2.08
CA THR A 129 3.51 -47.65 -1.41
C THR A 129 4.68 -47.40 -2.35
N GLU A 130 4.67 -47.98 -3.55
CA GLU A 130 5.79 -47.85 -4.48
C GLU A 130 5.39 -46.99 -5.68
N GLY A 131 6.40 -46.36 -6.27
CA GLY A 131 6.17 -45.42 -7.35
C GLY A 131 5.66 -44.06 -6.92
N VAL A 132 5.69 -43.76 -5.62
CA VAL A 132 5.10 -42.55 -5.08
C VAL A 132 6.21 -41.54 -4.80
N ALA A 133 5.85 -40.26 -4.91
CA ALA A 133 6.75 -39.15 -4.61
C ALA A 133 5.92 -37.98 -4.13
N GLU A 134 6.55 -37.09 -3.36
CA GLU A 134 5.85 -35.94 -2.81
C GLU A 134 6.75 -34.72 -2.85
N SER A 135 6.11 -33.55 -2.84
CA SER A 135 6.80 -32.27 -2.82
C SER A 135 6.87 -31.76 -1.37
N LEU A 136 7.56 -30.65 -1.20
CA LEU A 136 7.64 -30.02 0.11
C LEU A 136 6.32 -29.32 0.44
N PHE A 137 6.22 -28.84 1.68
CA PHE A 137 5.11 -27.99 2.09
C PHE A 137 5.37 -26.60 1.51
N LEU A 138 4.91 -26.39 0.28
CA LEU A 138 5.21 -25.15 -0.42
C LEU A 138 4.43 -23.99 0.19
N PRO A 139 5.04 -22.82 0.29
CA PRO A 139 4.35 -21.67 0.89
C PRO A 139 3.54 -20.89 -0.13
N ARG A 140 2.52 -20.21 0.38
CA ARG A 140 1.69 -19.32 -0.42
C ARG A 140 1.84 -17.89 0.07
N THR A 141 1.44 -16.94 -0.77
CA THR A 141 1.56 -15.54 -0.39
C THR A 141 0.62 -15.17 0.75
N ASP A 142 -0.51 -15.86 0.88
CA ASP A 142 -1.44 -15.63 1.98
C ASP A 142 -1.08 -16.44 3.22
N TYR A 143 0.15 -16.95 3.29
CA TYR A 143 0.74 -17.59 4.46
C TYR A 143 0.11 -18.95 4.79
N SER A 144 -0.67 -19.51 3.87
CA SER A 144 -1.07 -20.90 3.96
C SER A 144 -0.10 -21.74 3.15
N PHE A 145 -0.37 -23.03 3.00
CA PHE A 145 0.55 -23.94 2.35
C PHE A 145 -0.18 -24.80 1.33
N HIS A 146 0.57 -25.26 0.33
CA HIS A 146 0.08 -26.23 -0.63
C HIS A 146 1.17 -27.26 -0.89
N LYS A 147 0.78 -28.40 -1.46
CA LYS A 147 1.68 -29.54 -1.56
C LYS A 147 1.31 -30.40 -2.76
N PHE A 148 2.30 -31.06 -3.34
CA PHE A 148 2.12 -31.97 -4.46
C PHE A 148 2.42 -33.40 -4.05
N HIS A 149 1.69 -34.34 -4.64
CA HIS A 149 1.92 -35.76 -4.45
C HIS A 149 1.79 -36.46 -5.79
N TYR A 150 2.78 -37.27 -6.13
CA TYR A 150 2.88 -37.90 -7.44
C TYR A 150 2.82 -39.41 -7.33
N LEU A 151 2.26 -40.04 -8.36
CA LEU A 151 2.15 -41.50 -8.44
C LEU A 151 2.30 -41.90 -9.89
N THR A 152 3.31 -42.72 -10.18
CA THR A 152 3.49 -43.28 -11.52
C THR A 152 2.63 -44.52 -11.68
N PHE A 153 1.97 -44.64 -12.83
CA PHE A 153 1.00 -45.71 -13.04
C PHE A 153 0.87 -45.97 -14.53
N VAL A 154 0.24 -47.08 -14.86
CA VAL A 154 -0.13 -47.45 -16.22
C VAL A 154 -1.65 -47.36 -16.33
N PRO A 155 -2.20 -46.50 -17.20
CA PRO A 155 -3.65 -46.33 -17.26
C PRO A 155 -4.35 -47.60 -17.70
N SER A 156 -5.26 -48.08 -16.86
CA SER A 156 -6.07 -49.26 -17.14
C SER A 156 -7.53 -48.94 -16.82
N ALA A 157 -8.45 -49.50 -17.61
CA ALA A 157 -9.86 -49.23 -17.40
C ALA A 157 -10.38 -49.84 -16.10
N GLU A 158 -9.72 -50.87 -15.58
CA GLU A 158 -10.18 -51.50 -14.36
C GLU A 158 -9.78 -50.72 -13.11
N ASP A 159 -8.68 -49.99 -13.16
CA ASP A 159 -8.17 -49.30 -11.99
C ASP A 159 -8.86 -47.96 -11.78
N PHE A 160 -9.25 -47.70 -10.53
CA PHE A 160 -9.75 -46.39 -10.12
C PHE A 160 -8.95 -45.94 -8.90
N TYR A 161 -8.51 -44.69 -8.90
CA TYR A 161 -7.59 -44.19 -7.90
C TYR A 161 -8.28 -43.23 -6.94
N ASP A 162 -7.65 -43.04 -5.79
CA ASP A 162 -8.11 -42.10 -4.78
C ASP A 162 -6.89 -41.48 -4.10
N CYS A 163 -6.97 -40.18 -3.83
CA CYS A 163 -5.95 -39.47 -3.08
C CYS A 163 -6.57 -39.09 -1.73
N ARG A 164 -6.22 -39.86 -0.69
CA ARG A 164 -6.77 -39.65 0.64
C ARG A 164 -5.90 -38.64 1.39
N VAL A 165 -6.50 -37.53 1.78
CA VAL A 165 -5.81 -36.45 2.48
C VAL A 165 -6.42 -36.31 3.87
N GLU A 166 -5.56 -36.29 4.89
CA GLU A 166 -5.97 -36.15 6.28
C GLU A 166 -5.38 -34.87 6.85
N HIS A 167 -6.22 -34.04 7.45
CA HIS A 167 -5.78 -32.77 8.01
C HIS A 167 -6.62 -32.46 9.24
N TRP A 168 -6.07 -31.60 10.11
CA TRP A 168 -6.77 -31.23 11.33
C TRP A 168 -8.03 -30.43 11.05
N GLY A 169 -8.07 -29.68 9.95
CA GLY A 169 -9.24 -28.90 9.61
C GLY A 169 -10.40 -29.70 9.05
N LEU A 170 -10.22 -31.00 8.83
CA LEU A 170 -11.25 -31.86 8.31
C LEU A 170 -11.83 -32.73 9.42
N ASP A 171 -13.13 -32.99 9.31
CA ASP A 171 -13.78 -33.91 10.24
C ASP A 171 -13.42 -35.36 9.93
N GLN A 172 -13.25 -35.70 8.66
CA GLN A 172 -12.94 -37.03 8.20
C GLN A 172 -11.96 -36.93 7.04
N PRO A 173 -11.26 -38.02 6.72
CA PRO A 173 -10.35 -37.97 5.57
C PRO A 173 -11.09 -37.66 4.27
N LEU A 174 -10.40 -36.96 3.39
CA LEU A 174 -10.97 -36.50 2.13
C LEU A 174 -10.52 -37.42 1.01
N LEU A 175 -11.48 -38.09 0.36
CA LEU A 175 -11.21 -38.97 -0.77
C LEU A 175 -11.48 -38.21 -2.07
N LYS A 176 -10.43 -38.02 -2.86
CA LYS A 176 -10.55 -37.37 -4.17
C LYS A 176 -10.44 -38.45 -5.25
N HIS A 177 -11.56 -38.75 -5.89
CA HIS A 177 -11.63 -39.84 -6.85
C HIS A 177 -11.08 -39.43 -8.20
N TRP A 178 -10.50 -40.41 -8.90
CA TRP A 178 -10.04 -40.20 -10.28
C TRP A 178 -10.00 -41.53 -11.01
N GLU A 179 -10.46 -41.52 -12.26
CA GLU A 179 -10.37 -42.69 -13.13
C GLU A 179 -10.37 -42.20 -14.57
N ALA A 180 -9.92 -43.08 -15.47
CA ALA A 180 -9.83 -42.75 -16.88
C ALA A 180 -11.20 -42.81 -17.56
N THR B 3 -7.67 -31.17 18.71
CA THR B 3 -6.55 -30.62 17.97
C THR B 3 -5.32 -30.51 18.86
N PRO B 4 -4.19 -31.05 18.40
CA PRO B 4 -2.96 -31.02 19.22
C PRO B 4 -2.42 -29.60 19.34
N GLU B 5 -1.50 -29.45 20.29
CA GLU B 5 -0.83 -28.18 20.52
C GLU B 5 0.23 -27.96 19.45
N ASN B 6 0.13 -26.85 18.72
CA ASN B 6 1.03 -26.58 17.61
C ASN B 6 1.13 -25.08 17.38
N TYR B 7 2.37 -24.58 17.31
CA TYR B 7 2.63 -23.19 17.02
C TYR B 7 3.65 -23.10 15.89
N LEU B 8 3.46 -22.15 14.99
CA LEU B 8 4.29 -22.04 13.79
C LEU B 8 4.86 -20.63 13.68
N PHE B 9 6.11 -20.55 13.24
CA PHE B 9 6.78 -19.29 12.91
C PHE B 9 7.42 -19.45 11.54
N GLN B 10 7.11 -18.51 10.64
CA GLN B 10 7.67 -18.55 9.30
C GLN B 10 8.15 -17.16 8.89
N GLY B 11 9.08 -17.14 7.94
CA GLY B 11 9.59 -15.90 7.41
C GLY B 11 9.83 -16.01 5.92
N ARG B 12 9.82 -14.86 5.26
CA ARG B 12 10.04 -14.78 3.82
C ARG B 12 11.15 -13.78 3.53
N GLN B 13 11.97 -14.10 2.53
CA GLN B 13 13.00 -13.21 2.01
C GLN B 13 12.76 -13.10 0.51
N GLU B 14 12.05 -12.05 0.10
CA GLU B 14 11.53 -11.93 -1.25
C GLU B 14 12.33 -10.89 -2.03
N CYS B 15 12.71 -11.24 -3.25
CA CYS B 15 13.38 -10.34 -4.17
C CYS B 15 12.47 -10.08 -5.37
N TYR B 16 12.24 -8.80 -5.67
CA TYR B 16 11.35 -8.39 -6.76
C TYR B 16 12.19 -7.69 -7.82
N ALA B 17 12.33 -8.33 -8.98
CA ALA B 17 13.11 -7.80 -10.08
C ALA B 17 12.19 -7.22 -11.14
N PHE B 18 12.45 -5.97 -11.54
CA PHE B 18 11.62 -5.31 -12.54
C PHE B 18 12.40 -4.15 -13.15
N ASN B 19 12.54 -4.16 -14.47
CA ASN B 19 13.22 -3.09 -15.21
C ASN B 19 14.63 -2.86 -14.69
N GLY B 20 15.30 -3.95 -14.32
CA GLY B 20 16.67 -3.88 -13.86
C GLY B 20 16.86 -3.47 -12.42
N THR B 21 15.78 -3.39 -11.63
CA THR B 21 15.88 -3.05 -10.22
C THR B 21 15.61 -4.29 -9.36
N GLN B 22 15.93 -4.17 -8.07
CA GLN B 22 15.70 -5.24 -7.11
C GLN B 22 15.07 -4.64 -5.85
N ARG B 23 13.98 -5.25 -5.40
CA ARG B 23 13.27 -4.81 -4.20
C ARG B 23 13.20 -5.99 -3.24
N PHE B 24 13.70 -5.78 -2.01
CA PHE B 24 13.78 -6.82 -1.01
C PHE B 24 12.74 -6.57 0.09
N LEU B 25 11.96 -7.59 0.40
CA LEU B 25 11.03 -7.56 1.52
C LEU B 25 11.30 -8.78 2.40
N GLU B 26 11.44 -8.54 3.71
CA GLU B 26 11.67 -9.60 4.67
C GLU B 26 10.51 -9.62 5.65
N ARG B 27 9.74 -10.71 5.63
CA ARG B 27 8.54 -10.82 6.46
C ARG B 27 8.80 -11.73 7.65
N TYR B 28 8.14 -11.40 8.76
CA TYR B 28 8.21 -12.19 10.00
C TYR B 28 6.78 -12.53 10.39
N ILE B 29 6.43 -13.81 10.28
CA ILE B 29 5.06 -14.27 10.40
C ILE B 29 4.98 -15.27 11.55
N TYR B 30 3.88 -15.19 12.32
CA TYR B 30 3.58 -16.16 13.36
C TYR B 30 2.13 -16.61 13.18
N ASN B 31 1.95 -17.84 12.73
CA ASN B 31 0.62 -18.43 12.50
C ASN B 31 -0.21 -17.56 11.55
N ARG B 32 0.27 -17.44 10.32
CA ARG B 32 -0.32 -16.69 9.22
C ARG B 32 -0.50 -15.20 9.51
N GLU B 33 0.02 -14.71 10.63
CA GLU B 33 -0.11 -13.30 11.00
C GLU B 33 1.24 -12.63 10.81
N GLU B 34 1.39 -11.87 9.73
CA GLU B 34 2.60 -11.09 9.52
C GLU B 34 2.62 -9.92 10.49
N PHE B 35 3.59 -9.92 11.41
CA PHE B 35 3.68 -8.88 12.43
C PHE B 35 4.82 -7.90 12.20
N ALA B 36 5.91 -8.33 11.55
CA ALA B 36 7.05 -7.46 11.32
C ALA B 36 7.51 -7.61 9.88
N ARG B 37 7.97 -6.51 9.29
CA ARG B 37 8.36 -6.50 7.88
C ARG B 37 9.42 -5.44 7.66
N PHE B 38 10.43 -5.79 6.87
CA PHE B 38 11.40 -4.83 6.35
C PHE B 38 11.15 -4.67 4.86
N ASP B 39 11.05 -3.41 4.42
CA ASP B 39 10.83 -3.08 3.01
C ASP B 39 11.99 -2.25 2.52
N SER B 40 12.59 -2.66 1.40
CA SER B 40 13.74 -1.94 0.86
C SER B 40 13.36 -0.53 0.42
N ASP B 41 12.15 -0.35 -0.09
CA ASP B 41 11.68 0.98 -0.45
C ASP B 41 11.36 1.83 0.78
N VAL B 42 11.20 1.21 1.94
CA VAL B 42 10.99 1.95 3.18
C VAL B 42 12.31 2.28 3.87
N GLY B 43 13.21 1.31 3.96
CA GLY B 43 14.53 1.52 4.52
C GLY B 43 14.71 1.03 5.94
N GLU B 44 13.64 0.67 6.64
CA GLU B 44 13.74 0.21 8.01
C GLU B 44 12.56 -0.69 8.33
N PHE B 45 12.66 -1.38 9.47
CA PHE B 45 11.59 -2.26 9.92
C PHE B 45 10.39 -1.45 10.37
N ARG B 46 9.20 -2.02 10.17
CA ARG B 46 7.96 -1.42 10.66
C ARG B 46 7.00 -2.53 11.04
N ALA B 47 6.36 -2.38 12.20
CA ALA B 47 5.43 -3.39 12.69
C ALA B 47 4.17 -3.40 11.85
N VAL B 48 3.79 -4.58 11.37
CA VAL B 48 2.57 -4.73 10.59
C VAL B 48 1.34 -4.88 11.49
N THR B 49 1.52 -5.38 12.71
CA THR B 49 0.43 -5.48 13.66
C THR B 49 0.98 -5.18 15.06
N GLU B 50 0.06 -5.05 16.02
CA GLU B 50 0.44 -4.71 17.39
C GLU B 50 1.37 -5.73 18.01
N LEU B 51 1.36 -6.97 17.52
CA LEU B 51 2.23 -8.00 18.07
C LEU B 51 3.70 -7.72 17.78
N GLY B 52 4.00 -7.03 16.68
CA GLY B 52 5.35 -6.81 16.23
C GLY B 52 5.95 -5.46 16.52
N ARG B 53 5.33 -4.64 17.37
CA ARG B 53 5.90 -3.34 17.69
C ARG B 53 7.21 -3.48 18.47
N PRO B 54 7.30 -4.25 19.56
CA PRO B 54 8.59 -4.36 20.25
C PRO B 54 9.70 -4.95 19.39
N ALA B 55 9.36 -5.81 18.43
CA ALA B 55 10.39 -6.39 17.57
C ALA B 55 10.91 -5.37 16.57
N ALA B 56 10.02 -4.53 16.03
CA ALA B 56 10.45 -3.54 15.05
C ALA B 56 11.21 -2.40 15.70
N GLU B 57 10.80 -1.98 16.90
CA GLU B 57 11.49 -0.88 17.58
C GLU B 57 12.91 -1.29 17.97
N TYR B 58 13.09 -2.53 18.43
CA TYR B 58 14.42 -2.99 18.80
C TYR B 58 15.31 -3.13 17.57
N TRP B 59 14.74 -3.58 16.45
CA TRP B 59 15.53 -3.76 15.24
C TRP B 59 15.99 -2.44 14.65
N ASN B 60 15.19 -1.38 14.79
CA ASN B 60 15.57 -0.09 14.22
C ASN B 60 16.65 0.60 15.02
N SER B 61 16.85 0.22 16.28
CA SER B 61 17.95 0.79 17.06
C SER B 61 19.29 0.21 16.63
N GLN B 62 19.33 -1.08 16.35
CA GLN B 62 20.55 -1.75 15.89
C GLN B 62 20.85 -1.29 14.47
N LYS B 63 21.83 -0.40 14.33
CA LYS B 63 22.12 0.20 13.03
C LYS B 63 22.70 -0.82 12.06
N ASP B 64 23.49 -1.77 12.55
CA ASP B 64 24.07 -2.79 11.67
C ASP B 64 22.98 -3.63 11.03
N ILE B 65 21.89 -3.88 11.76
CA ILE B 65 20.77 -4.63 11.19
C ILE B 65 20.11 -3.83 10.07
N LEU B 66 19.91 -2.53 10.30
CA LEU B 66 19.30 -1.69 9.27
C LEU B 66 20.22 -1.55 8.06
N GLU B 67 21.53 -1.49 8.29
CA GLU B 67 22.47 -1.34 7.18
C GLU B 67 22.61 -2.64 6.39
N GLU B 68 22.61 -3.78 7.09
CA GLU B 68 22.75 -5.06 6.41
C GLU B 68 21.57 -5.32 5.49
N LYS B 69 20.35 -5.01 5.95
CA LYS B 69 19.17 -5.27 5.14
C LYS B 69 19.10 -4.35 3.93
N ARG B 70 19.60 -3.12 4.05
CA ARG B 70 19.60 -2.20 2.91
C ARG B 70 20.56 -2.63 1.82
N ALA B 71 21.56 -3.46 2.14
CA ALA B 71 22.50 -3.96 1.16
C ALA B 71 22.06 -5.26 0.50
N VAL B 72 20.96 -5.86 0.97
CA VAL B 72 20.47 -7.14 0.45
C VAL B 72 20.00 -7.02 -1.00
N PRO B 73 19.25 -5.97 -1.40
CA PRO B 73 18.85 -5.88 -2.82
C PRO B 73 20.01 -5.90 -3.79
N ASP B 74 21.22 -5.58 -3.35
CA ASP B 74 22.40 -5.63 -4.20
C ASP B 74 23.32 -6.80 -3.89
N ARG B 75 23.37 -7.25 -2.62
CA ARG B 75 24.26 -8.34 -2.27
C ARG B 75 23.66 -9.70 -2.64
N MET B 76 22.36 -9.89 -2.39
CA MET B 76 21.71 -11.17 -2.62
C MET B 76 20.74 -11.17 -3.79
N CYS B 77 19.84 -10.17 -3.85
CA CYS B 77 18.82 -10.17 -4.89
C CYS B 77 19.45 -10.02 -6.28
N ARG B 78 20.33 -9.05 -6.45
CA ARG B 78 20.98 -8.86 -7.74
C ARG B 78 21.92 -10.01 -8.07
N HIS B 79 22.57 -10.60 -7.05
CA HIS B 79 23.52 -11.68 -7.29
C HIS B 79 22.82 -12.92 -7.81
N ASN B 80 21.74 -13.35 -7.14
CA ASN B 80 21.05 -14.56 -7.55
C ASN B 80 20.29 -14.36 -8.86
N TYR B 81 19.75 -13.15 -9.09
CA TYR B 81 18.98 -12.91 -10.31
C TYR B 81 19.87 -12.98 -11.55
N GLU B 82 21.10 -12.49 -11.44
CA GLU B 82 22.03 -12.58 -12.56
C GLU B 82 22.64 -13.97 -12.69
N LEU B 83 22.79 -14.68 -11.57
CA LEU B 83 23.40 -16.01 -11.60
C LEU B 83 22.43 -17.06 -12.15
N GLY B 84 21.17 -17.02 -11.70
CA GLY B 84 20.16 -17.94 -12.17
C GLY B 84 19.56 -17.61 -13.52
N GLY B 85 20.17 -16.69 -14.26
CA GLY B 85 19.68 -16.29 -15.56
C GLY B 85 19.49 -17.43 -16.55
N PRO B 86 20.57 -18.15 -16.86
CA PRO B 86 20.46 -19.19 -17.90
C PRO B 86 19.57 -20.36 -17.49
N MET B 87 19.60 -20.75 -16.22
CA MET B 87 18.87 -21.93 -15.78
C MET B 87 17.41 -21.66 -15.45
N THR B 88 17.08 -20.44 -15.03
CA THR B 88 15.72 -20.12 -14.59
C THR B 88 15.05 -19.11 -15.51
N LEU B 89 15.66 -17.95 -15.74
CA LEU B 89 15.04 -16.91 -16.56
C LEU B 89 14.85 -17.39 -17.99
N GLN B 90 15.93 -17.81 -18.63
CA GLN B 90 15.89 -18.27 -20.03
C GLN B 90 15.70 -19.77 -20.14
N ARG B 91 14.88 -20.35 -19.27
CA ARG B 91 14.53 -21.77 -19.39
C ARG B 91 13.38 -21.91 -20.39
N ARG B 92 13.59 -22.71 -21.44
CA ARG B 92 12.58 -22.91 -22.47
C ARG B 92 12.35 -24.40 -22.64
N VAL B 93 11.11 -24.83 -22.41
CA VAL B 93 10.70 -26.21 -22.63
C VAL B 93 9.57 -26.20 -23.64
N GLN B 94 9.76 -26.91 -24.75
CA GLN B 94 8.78 -26.92 -25.82
C GLN B 94 7.54 -27.72 -25.39
N PRO B 95 6.34 -27.26 -25.75
CA PRO B 95 5.13 -27.97 -25.34
C PRO B 95 4.81 -29.14 -26.24
N ARG B 96 3.96 -30.03 -25.72
CA ARG B 96 3.44 -31.18 -26.46
C ARG B 96 1.95 -30.99 -26.67
N VAL B 97 1.50 -31.16 -27.91
CA VAL B 97 0.11 -30.89 -28.29
C VAL B 97 -0.56 -32.19 -28.68
N ASN B 98 -1.75 -32.43 -28.12
CA ASN B 98 -2.53 -33.63 -28.39
C ASN B 98 -3.98 -33.24 -28.58
N VAL B 99 -4.66 -33.92 -29.50
CA VAL B 99 -6.06 -33.65 -29.81
C VAL B 99 -6.84 -34.96 -29.67
N SER B 100 -7.90 -34.93 -28.88
CA SER B 100 -8.74 -36.09 -28.62
C SER B 100 -10.19 -35.66 -28.52
N PRO B 101 -11.13 -36.52 -28.93
CA PRO B 101 -12.55 -36.14 -28.91
C PRO B 101 -13.29 -36.47 -27.62
N SER B 102 -12.62 -37.05 -26.63
CA SER B 102 -13.25 -37.45 -25.37
C SER B 102 -14.45 -38.37 -25.58
N ASN B 111 -20.46 -33.51 -27.54
CA ASN B 111 -19.28 -33.83 -28.35
C ASN B 111 -18.30 -32.66 -28.38
N LEU B 112 -17.17 -32.84 -27.72
CA LEU B 112 -16.15 -31.81 -27.60
C LEU B 112 -14.83 -32.30 -28.17
N LEU B 113 -13.91 -31.37 -28.38
CA LEU B 113 -12.56 -31.66 -28.86
C LEU B 113 -11.57 -31.04 -27.88
N VAL B 114 -10.67 -31.86 -27.35
CA VAL B 114 -9.76 -31.46 -26.28
C VAL B 114 -8.36 -31.28 -26.86
N CYS B 115 -7.83 -30.06 -26.76
CA CYS B 115 -6.45 -29.77 -27.13
C CYS B 115 -5.63 -29.73 -25.85
N HIS B 116 -4.82 -30.77 -25.63
CA HIS B 116 -4.11 -30.96 -24.37
C HIS B 116 -2.65 -30.57 -24.56
N VAL B 117 -2.25 -29.43 -24.02
CA VAL B 117 -0.89 -28.92 -24.11
C VAL B 117 -0.18 -29.21 -22.79
N THR B 118 0.91 -29.99 -22.86
CA THR B 118 1.58 -30.46 -21.67
C THR B 118 3.07 -30.14 -21.73
N ASP B 119 3.69 -30.11 -20.54
CA ASP B 119 5.14 -30.03 -20.36
C ASP B 119 5.75 -28.81 -21.05
N PHE B 120 5.61 -27.64 -20.44
CA PHE B 120 6.26 -26.42 -20.90
C PHE B 120 6.49 -25.52 -19.69
N TYR B 121 7.63 -24.82 -19.68
CA TYR B 121 7.93 -24.04 -18.48
C TYR B 121 7.43 -22.60 -18.57
N PRO B 122 7.78 -21.80 -19.60
CA PRO B 122 7.28 -20.42 -19.63
C PRO B 122 5.76 -20.40 -19.60
N GLY B 123 5.21 -19.90 -18.49
CA GLY B 123 3.77 -20.01 -18.27
C GLY B 123 2.93 -19.31 -19.32
N SER B 124 3.41 -18.17 -19.80
CA SER B 124 2.67 -17.41 -20.80
C SER B 124 2.51 -18.23 -22.08
N ILE B 125 1.25 -18.57 -22.40
CA ILE B 125 0.95 -19.35 -23.59
C ILE B 125 -0.44 -18.95 -24.06
N GLN B 126 -0.67 -19.09 -25.37
CA GLN B 126 -1.98 -18.85 -25.95
C GLN B 126 -2.32 -19.99 -26.91
N VAL B 127 -3.56 -20.46 -26.84
CA VAL B 127 -4.03 -21.59 -27.63
C VAL B 127 -5.32 -21.17 -28.32
N ARG B 128 -5.34 -21.26 -29.66
CA ARG B 128 -6.50 -20.88 -30.45
C ARG B 128 -7.04 -22.09 -31.20
N TRP B 129 -8.36 -22.10 -31.40
CA TRP B 129 -9.03 -23.16 -32.14
C TRP B 129 -9.44 -22.64 -33.51
N PHE B 130 -9.18 -23.44 -34.54
CA PHE B 130 -9.52 -23.10 -35.91
C PHE B 130 -10.34 -24.23 -36.53
N LEU B 131 -11.36 -23.85 -37.30
CA LEU B 131 -12.19 -24.80 -38.04
C LEU B 131 -12.20 -24.38 -39.50
N ASN B 132 -11.58 -25.18 -40.36
CA ASN B 132 -11.50 -24.89 -41.80
C ASN B 132 -10.88 -23.52 -42.05
N GLY B 133 -9.86 -23.18 -41.28
CA GLY B 133 -9.21 -21.89 -41.40
C GLY B 133 -9.88 -20.75 -40.65
N GLN B 134 -11.04 -21.00 -40.04
CA GLN B 134 -11.79 -19.98 -39.32
C GLN B 134 -11.53 -20.12 -37.83
N GLU B 135 -11.11 -19.02 -37.20
CA GLU B 135 -10.85 -19.05 -35.77
C GLU B 135 -12.17 -19.08 -34.99
N GLU B 136 -12.33 -20.08 -34.14
CA GLU B 136 -13.55 -20.26 -33.38
C GLU B 136 -13.42 -19.59 -32.02
N THR B 137 -14.45 -18.85 -31.62
CA THR B 137 -14.50 -18.19 -30.33
C THR B 137 -15.66 -18.66 -29.46
N ALA B 138 -16.84 -18.86 -30.04
CA ALA B 138 -17.97 -19.35 -29.28
C ALA B 138 -17.80 -20.83 -28.95
N GLY B 139 -18.18 -21.21 -27.74
CA GLY B 139 -18.07 -22.60 -27.32
C GLY B 139 -16.66 -23.04 -27.02
N VAL B 140 -15.79 -22.14 -26.59
CA VAL B 140 -14.40 -22.45 -26.27
C VAL B 140 -14.25 -22.35 -24.75
N VAL B 141 -13.86 -23.46 -24.13
CA VAL B 141 -13.67 -23.53 -22.68
C VAL B 141 -12.25 -24.00 -22.42
N SER B 142 -11.43 -23.11 -21.85
CA SER B 142 -10.06 -23.42 -21.51
C SER B 142 -9.88 -23.38 -20.00
N THR B 143 -9.09 -24.32 -19.49
CA THR B 143 -8.78 -24.36 -18.07
C THR B 143 -7.73 -23.29 -17.73
N ASN B 144 -7.48 -23.12 -16.43
CA ASN B 144 -6.43 -22.23 -15.99
C ASN B 144 -5.07 -22.87 -16.21
N LEU B 145 -4.02 -22.10 -15.96
CA LEU B 145 -2.68 -22.66 -15.96
C LEU B 145 -2.55 -23.68 -14.83
N ILE B 146 -1.98 -24.83 -15.14
CA ILE B 146 -1.88 -25.93 -14.20
C ILE B 146 -0.40 -26.18 -13.92
N ARG B 147 0.05 -25.80 -12.72
CA ARG B 147 1.42 -26.08 -12.30
C ARG B 147 1.55 -27.56 -11.97
N ASN B 148 2.58 -28.21 -12.52
CA ASN B 148 2.86 -29.59 -12.20
C ASN B 148 3.79 -29.75 -11.02
N GLY B 149 4.51 -28.69 -10.64
CA GLY B 149 5.57 -28.79 -9.66
C GLY B 149 6.89 -29.24 -10.22
N ASP B 150 6.91 -29.81 -11.42
CA ASP B 150 8.14 -30.22 -12.11
C ASP B 150 8.75 -29.09 -12.91
N TRP B 151 8.48 -27.83 -12.53
CA TRP B 151 8.83 -26.67 -13.34
C TRP B 151 8.21 -26.76 -14.73
N THR B 152 7.01 -27.34 -14.81
CA THR B 152 6.29 -27.51 -16.06
C THR B 152 4.82 -27.14 -15.84
N PHE B 153 4.14 -26.84 -16.93
CA PHE B 153 2.76 -26.38 -16.88
C PHE B 153 1.88 -27.22 -17.81
N GLN B 154 0.57 -27.04 -17.66
CA GLN B 154 -0.42 -27.69 -18.50
C GLN B 154 -1.53 -26.70 -18.84
N ILE B 155 -2.29 -27.03 -19.86
CA ILE B 155 -3.51 -26.31 -20.19
C ILE B 155 -4.35 -27.19 -21.11
N LEU B 156 -5.67 -27.14 -20.92
CA LEU B 156 -6.61 -27.90 -21.72
C LEU B 156 -7.66 -26.95 -22.25
N VAL B 157 -7.80 -26.89 -23.57
CA VAL B 157 -8.76 -26.02 -24.23
C VAL B 157 -9.80 -26.89 -24.90
N MET B 158 -11.04 -26.82 -24.43
CA MET B 158 -12.14 -27.58 -25.00
C MET B 158 -12.84 -26.76 -26.08
N LEU B 159 -13.42 -27.47 -27.05
CA LEU B 159 -14.14 -26.84 -28.14
C LEU B 159 -15.40 -27.63 -28.43
N GLU B 160 -16.56 -27.02 -28.21
CA GLU B 160 -17.83 -27.64 -28.57
C GLU B 160 -18.02 -27.53 -30.07
N MET B 161 -18.21 -28.67 -30.73
CA MET B 161 -18.25 -28.74 -32.19
C MET B 161 -19.52 -29.43 -32.64
N THR B 162 -19.96 -29.06 -33.85
CA THR B 162 -21.03 -29.76 -34.56
C THR B 162 -20.36 -30.54 -35.69
N PRO B 163 -20.01 -31.80 -35.48
CA PRO B 163 -19.16 -32.51 -36.44
C PRO B 163 -19.80 -32.62 -37.82
N GLN B 164 -19.04 -32.23 -38.84
CA GLN B 164 -19.42 -32.36 -40.23
C GLN B 164 -18.34 -33.14 -40.97
N GLN B 165 -18.75 -34.01 -41.89
CA GLN B 165 -17.78 -34.77 -42.67
C GLN B 165 -17.01 -33.85 -43.60
N GLY B 166 -15.68 -33.96 -43.58
CA GLY B 166 -14.83 -33.10 -44.36
C GLY B 166 -14.32 -31.88 -43.62
N ASP B 167 -14.86 -31.57 -42.45
CA ASP B 167 -14.39 -30.45 -41.67
C ASP B 167 -13.03 -30.75 -41.05
N VAL B 168 -12.18 -29.74 -40.98
CA VAL B 168 -10.83 -29.87 -40.46
C VAL B 168 -10.69 -28.93 -39.27
N TYR B 169 -10.67 -29.51 -38.06
CA TYR B 169 -10.43 -28.74 -36.84
C TYR B 169 -8.94 -28.75 -36.54
N THR B 170 -8.35 -27.56 -36.39
CA THR B 170 -6.93 -27.42 -36.12
C THR B 170 -6.72 -26.62 -34.85
N CYS B 171 -5.83 -27.11 -33.99
CA CYS B 171 -5.46 -26.43 -32.75
C CYS B 171 -4.04 -25.92 -32.89
N GLN B 172 -3.86 -24.61 -32.89
CA GLN B 172 -2.54 -24.01 -32.96
C GLN B 172 -2.11 -23.52 -31.58
N VAL B 173 -0.80 -23.56 -31.34
CA VAL B 173 -0.21 -23.17 -30.07
C VAL B 173 0.94 -22.21 -30.35
N GLU B 174 0.89 -21.04 -29.71
CA GLU B 174 1.96 -20.05 -29.81
C GLU B 174 2.60 -19.90 -28.44
N HIS B 175 3.91 -20.10 -28.36
CA HIS B 175 4.63 -20.12 -27.10
C HIS B 175 5.96 -19.43 -27.27
N THR B 176 6.49 -18.91 -26.16
CA THR B 176 7.80 -18.26 -26.18
C THR B 176 8.92 -19.24 -26.53
N SER B 177 8.73 -20.53 -26.26
CA SER B 177 9.71 -21.56 -26.57
C SER B 177 9.64 -22.01 -28.03
N LEU B 178 8.83 -21.36 -28.86
CA LEU B 178 8.64 -21.76 -30.25
C LEU B 178 8.81 -20.55 -31.15
N ASP B 179 9.54 -20.74 -32.25
CA ASP B 179 9.66 -19.70 -33.26
C ASP B 179 8.49 -19.73 -34.24
N SER B 180 7.96 -20.92 -34.53
CA SER B 180 6.81 -21.10 -35.38
C SER B 180 5.70 -21.83 -34.63
N PRO B 181 4.44 -21.42 -34.81
CA PRO B 181 3.35 -22.06 -34.07
C PRO B 181 3.15 -23.51 -34.47
N VAL B 182 2.85 -24.34 -33.48
CA VAL B 182 2.62 -25.77 -33.70
C VAL B 182 1.13 -26.00 -33.86
N THR B 183 0.76 -26.79 -34.88
CA THR B 183 -0.64 -27.06 -35.19
C THR B 183 -0.88 -28.56 -35.26
N VAL B 184 -2.01 -28.99 -34.71
CA VAL B 184 -2.47 -30.37 -34.80
C VAL B 184 -3.91 -30.36 -35.27
N GLU B 185 -4.25 -31.28 -36.18
CA GLU B 185 -5.55 -31.29 -36.83
C GLU B 185 -6.35 -32.53 -36.47
N TRP B 186 -7.67 -32.42 -36.59
CA TRP B 186 -8.59 -33.53 -36.35
C TRP B 186 -9.53 -33.65 -37.53
N LYS B 187 -9.68 -34.87 -38.04
CA LYS B 187 -10.54 -35.18 -39.19
C LYS B 187 -10.16 -34.42 -40.45
N THR C 3 28.85 -21.52 -9.69
CA THR C 3 29.28 -20.77 -8.52
C THR C 3 28.33 -20.98 -7.34
N GLY C 4 28.11 -19.95 -6.56
CA GLY C 4 27.33 -20.08 -5.34
C GLY C 4 26.22 -19.05 -5.23
N LEU C 5 25.12 -19.48 -4.61
CA LEU C 5 23.97 -18.61 -4.37
C LEU C 5 24.07 -17.98 -2.99
N ALA C 6 23.61 -16.75 -2.87
CA ALA C 6 23.71 -15.99 -1.63
C ALA C 6 22.49 -16.24 -0.74
N TRP C 7 22.64 -15.86 0.53
CA TRP C 7 21.56 -15.99 1.50
C TRP C 7 21.67 -14.86 2.51
N GLU C 8 20.73 -14.82 3.46
CA GLU C 8 20.62 -13.72 4.40
C GLU C 8 20.12 -14.24 5.74
N TRP C 9 20.63 -13.63 6.83
CA TRP C 9 20.23 -14.00 8.17
C TRP C 9 18.91 -13.34 8.53
N TRP C 10 17.93 -14.14 8.98
CA TRP C 10 16.79 -13.58 9.67
C TRP C 10 17.22 -13.09 11.04
N ARG C 11 16.67 -11.96 11.46
CA ARG C 11 17.10 -11.36 12.72
C ARG C 11 16.35 -11.99 13.89
N THR C 12 16.85 -11.72 15.10
CA THR C 12 16.28 -12.24 16.32
C THR C 12 15.27 -11.27 16.91
N VAL C 13 14.21 -11.82 17.50
CA VAL C 13 13.13 -11.02 18.04
C VAL C 13 13.44 -10.69 19.50
N TYR C 14 12.80 -9.63 20.01
CA TYR C 14 12.98 -9.11 21.35
C TYR C 14 12.76 -10.15 22.45
N ILE D 1 -14.96 32.78 18.24
CA ILE D 1 -16.06 31.87 18.45
C ILE D 1 -15.56 30.55 19.04
N LYS D 2 -16.05 30.22 20.24
CA LYS D 2 -15.67 28.97 20.88
C LYS D 2 -16.23 27.80 20.09
N ALA D 3 -15.37 26.83 19.76
CA ALA D 3 -15.79 25.67 18.98
C ALA D 3 -14.81 24.54 19.21
N ASP D 4 -15.35 23.33 19.40
CA ASP D 4 -14.50 22.16 19.51
C ASP D 4 -13.86 21.82 18.16
N HIS D 5 -14.63 21.95 17.09
CA HIS D 5 -14.13 21.71 15.73
C HIS D 5 -14.82 22.68 14.79
N VAL D 6 -14.18 22.91 13.63
CA VAL D 6 -14.68 23.83 12.63
C VAL D 6 -14.62 23.15 11.26
N SER D 7 -15.77 23.00 10.62
CA SER D 7 -15.87 22.48 9.27
C SER D 7 -16.30 23.61 8.33
N THR D 8 -15.57 23.79 7.24
CA THR D 8 -15.77 24.95 6.38
C THR D 8 -15.73 24.54 4.92
N TYR D 9 -16.74 24.97 4.16
CA TYR D 9 -16.71 24.92 2.70
C TYR D 9 -16.01 26.17 2.19
N ALA D 10 -14.93 26.00 1.44
CA ALA D 10 -14.16 27.10 0.90
C ALA D 10 -14.09 26.98 -0.61
N ALA D 11 -14.33 28.10 -1.30
CA ALA D 11 -14.29 28.11 -2.75
C ALA D 11 -13.99 29.52 -3.23
N PHE D 12 -13.25 29.62 -4.33
CA PHE D 12 -12.92 30.90 -4.91
C PHE D 12 -12.89 30.79 -6.43
N VAL D 13 -13.10 31.93 -7.08
CA VAL D 13 -12.96 32.05 -8.54
C VAL D 13 -12.12 33.28 -8.83
N GLN D 14 -11.37 33.22 -9.92
CA GLN D 14 -10.51 34.32 -10.33
C GLN D 14 -10.23 34.19 -11.82
N THR D 15 -9.43 35.13 -12.34
CA THR D 15 -9.19 35.24 -13.77
C THR D 15 -7.85 34.66 -14.21
N HIS D 16 -7.05 34.13 -13.30
CA HIS D 16 -5.74 33.59 -13.63
C HIS D 16 -5.49 32.30 -12.85
N ARG D 17 -4.43 31.58 -13.24
CA ARG D 17 -3.91 30.40 -12.54
C ARG D 17 -5.06 29.40 -12.36
N PRO D 18 -5.37 28.85 -11.18
CA PRO D 18 -6.66 28.13 -11.09
C PRO D 18 -7.82 29.10 -11.19
N THR D 19 -8.62 28.95 -12.26
CA THR D 19 -9.80 29.80 -12.42
C THR D 19 -10.80 29.57 -11.30
N GLY D 20 -10.82 28.38 -10.72
CA GLY D 20 -11.74 28.08 -9.63
C GLY D 20 -11.27 26.91 -8.82
N GLU D 21 -11.88 26.77 -7.63
CA GLU D 21 -11.58 25.67 -6.73
C GLU D 21 -12.71 25.57 -5.72
N PHE D 22 -13.08 24.34 -5.36
CA PHE D 22 -14.15 24.08 -4.41
C PHE D 22 -13.71 22.93 -3.51
N MET D 23 -13.53 23.21 -2.22
CA MET D 23 -13.01 22.22 -1.29
C MET D 23 -13.76 22.31 0.03
N PHE D 24 -13.57 21.29 0.86
CA PHE D 24 -14.17 21.21 2.19
C PHE D 24 -13.11 20.77 3.17
N GLU D 25 -12.88 21.56 4.21
CA GLU D 25 -11.83 21.30 5.18
C GLU D 25 -12.41 21.06 6.57
N PHE D 26 -11.70 20.28 7.36
CA PHE D 26 -12.07 19.98 8.74
C PHE D 26 -10.85 20.23 9.62
N ASP D 27 -10.95 21.24 10.50
CA ASP D 27 -9.83 21.66 11.35
C ASP D 27 -8.60 22.00 10.50
N GLU D 28 -8.81 22.85 9.49
CA GLU D 28 -7.76 23.37 8.61
C GLU D 28 -7.07 22.27 7.80
N ASP D 29 -7.69 21.09 7.70
CA ASP D 29 -7.17 19.99 6.88
C ASP D 29 -8.15 19.71 5.77
N GLU D 30 -7.68 19.80 4.52
CA GLU D 30 -8.54 19.60 3.36
C GLU D 30 -9.02 18.16 3.31
N MET D 31 -10.33 17.96 3.29
CA MET D 31 -10.92 16.62 3.27
C MET D 31 -11.18 16.14 1.84
N PHE D 32 -11.88 16.94 1.05
CA PHE D 32 -12.13 16.60 -0.34
C PHE D 32 -12.30 17.90 -1.13
N TYR D 33 -12.25 17.76 -2.45
CA TYR D 33 -12.50 18.87 -3.35
C TYR D 33 -13.14 18.34 -4.62
N VAL D 34 -13.67 19.25 -5.43
CA VAL D 34 -14.29 18.91 -6.71
C VAL D 34 -13.32 19.28 -7.81
N ASP D 35 -12.87 18.27 -8.56
CA ASP D 35 -11.93 18.48 -9.66
C ASP D 35 -12.70 19.05 -10.85
N LEU D 36 -12.72 20.37 -10.95
CA LEU D 36 -13.23 21.02 -12.15
C LEU D 36 -12.35 20.63 -13.33
N ASP D 37 -12.97 20.61 -14.52
CA ASP D 37 -12.40 20.12 -15.78
C ASP D 37 -12.52 18.60 -15.88
N LYS D 38 -12.62 17.90 -14.74
CA LYS D 38 -12.93 16.49 -14.71
C LYS D 38 -14.27 16.18 -14.07
N LYS D 39 -14.81 17.09 -13.24
CA LYS D 39 -16.18 17.00 -12.72
C LYS D 39 -16.38 15.74 -11.91
N GLU D 40 -15.49 15.52 -10.93
CA GLU D 40 -15.58 14.39 -10.03
C GLU D 40 -15.03 14.81 -8.68
N THR D 41 -15.59 14.21 -7.63
CA THR D 41 -15.14 14.49 -6.27
C THR D 41 -13.87 13.70 -5.97
N VAL D 42 -12.82 14.42 -5.57
CA VAL D 42 -11.53 13.83 -5.23
C VAL D 42 -11.34 13.91 -3.73
N TRP D 43 -11.06 12.77 -3.10
CA TRP D 43 -10.88 12.70 -1.66
C TRP D 43 -9.39 12.70 -1.32
N HIS D 44 -9.03 13.44 -0.28
CA HIS D 44 -7.63 13.53 0.12
C HIS D 44 -7.11 12.17 0.57
N LEU D 45 -7.83 11.51 1.47
CA LEU D 45 -7.50 10.16 1.90
C LEU D 45 -8.43 9.16 1.24
N GLU D 46 -7.89 8.00 0.88
CA GLU D 46 -8.70 6.96 0.24
C GLU D 46 -9.77 6.44 1.19
N GLU D 47 -9.50 6.45 2.49
CA GLU D 47 -10.49 6.00 3.47
C GLU D 47 -11.69 6.94 3.56
N PHE D 48 -11.55 8.18 3.09
CA PHE D 48 -12.67 9.11 3.13
C PHE D 48 -13.71 8.79 2.06
N GLY D 49 -13.27 8.36 0.87
CA GLY D 49 -14.18 8.03 -0.19
C GLY D 49 -14.96 6.75 0.03
N GLN D 50 -14.47 5.87 0.90
CA GLN D 50 -15.16 4.62 1.21
C GLN D 50 -16.24 4.79 2.26
N ALA D 51 -16.30 5.93 2.94
CA ALA D 51 -17.30 6.16 3.98
C ALA D 51 -18.26 7.29 3.66
N PHE D 52 -17.94 8.15 2.69
CA PHE D 52 -18.79 9.27 2.32
C PHE D 52 -18.85 9.41 0.81
N SER D 53 -19.69 10.33 0.36
CA SER D 53 -19.78 10.69 -1.05
C SER D 53 -20.32 12.11 -1.15
N PHE D 54 -20.08 12.74 -2.29
CA PHE D 54 -20.42 14.15 -2.47
C PHE D 54 -20.91 14.40 -3.89
N GLU D 55 -21.89 15.29 -4.01
CA GLU D 55 -22.43 15.66 -5.32
C GLU D 55 -21.46 16.61 -6.01
N ALA D 56 -20.74 16.10 -7.03
CA ALA D 56 -19.79 16.94 -7.75
C ALA D 56 -20.47 18.14 -8.39
N GLN D 57 -21.75 18.01 -8.74
CA GLN D 57 -22.49 19.14 -9.28
C GLN D 57 -22.72 20.24 -8.25
N GLY D 58 -22.65 19.90 -6.96
CA GLY D 58 -22.84 20.92 -5.94
C GLY D 58 -21.74 21.97 -5.94
N GLY D 59 -20.51 21.54 -6.19
CA GLY D 59 -19.40 22.48 -6.28
C GLY D 59 -19.32 23.17 -7.62
N LEU D 60 -19.57 22.41 -8.69
CA LEU D 60 -19.52 22.99 -10.03
C LEU D 60 -20.56 24.08 -10.22
N ALA D 61 -21.71 23.96 -9.55
CA ALA D 61 -22.72 25.00 -9.63
C ALA D 61 -22.40 26.16 -8.68
N ASN D 62 -21.89 25.85 -7.49
CA ASN D 62 -21.42 26.90 -6.59
C ASN D 62 -20.35 27.76 -7.26
N ILE D 63 -19.49 27.13 -8.07
CA ILE D 63 -18.50 27.89 -8.84
C ILE D 63 -19.21 28.80 -9.84
N ALA D 64 -20.26 28.30 -10.49
CA ALA D 64 -21.02 29.11 -11.44
C ALA D 64 -21.69 30.29 -10.76
N ILE D 65 -22.11 30.13 -9.51
CA ILE D 65 -22.70 31.25 -8.77
C ILE D 65 -21.63 32.28 -8.44
N LEU D 66 -20.47 31.83 -7.95
CA LEU D 66 -19.38 32.74 -7.61
C LEU D 66 -18.78 33.41 -8.84
N ASN D 67 -18.91 32.79 -10.02
CA ASN D 67 -18.36 33.39 -11.22
C ASN D 67 -19.06 34.69 -11.58
N ASN D 68 -20.40 34.69 -11.53
CA ASN D 68 -21.13 35.92 -11.81
C ASN D 68 -21.07 36.89 -10.64
N ASN D 69 -20.97 36.38 -9.41
CA ASN D 69 -20.69 37.25 -8.27
C ASN D 69 -19.38 37.99 -8.47
N LEU D 70 -18.40 37.35 -9.12
CA LEU D 70 -17.16 38.03 -9.44
C LEU D 70 -17.40 39.13 -10.48
N ASN D 71 -18.09 38.80 -11.58
CA ASN D 71 -18.40 39.81 -12.59
C ASN D 71 -19.23 40.94 -12.01
N THR D 72 -20.15 40.62 -11.09
CA THR D 72 -20.92 41.66 -10.43
C THR D 72 -20.03 42.51 -9.52
N LEU D 73 -19.13 41.86 -8.77
CA LEU D 73 -18.25 42.60 -7.88
C LEU D 73 -17.18 43.37 -8.65
N ILE D 74 -16.84 42.91 -9.87
CA ILE D 74 -15.84 43.61 -10.67
C ILE D 74 -16.36 44.98 -11.09
N GLN D 75 -17.63 45.05 -11.50
CA GLN D 75 -18.21 46.34 -11.89
C GLN D 75 -18.42 47.23 -10.68
N ARG D 76 -18.94 46.67 -9.59
CA ARG D 76 -19.19 47.46 -8.38
C ARG D 76 -17.91 48.01 -7.80
N SER D 77 -16.81 47.28 -7.90
CA SER D 77 -15.54 47.70 -7.33
C SER D 77 -14.78 48.68 -8.21
N ASN D 78 -15.34 49.07 -9.36
CA ASN D 78 -14.67 49.95 -10.32
C ASN D 78 -13.33 49.36 -10.77
N HIS D 79 -13.29 48.03 -10.89
CA HIS D 79 -12.11 47.30 -11.38
C HIS D 79 -10.89 47.56 -10.49
N THR D 80 -11.05 47.29 -9.20
CA THR D 80 -9.96 47.39 -8.24
C THR D 80 -9.32 46.03 -8.04
N GLN D 81 -8.00 45.96 -8.18
CA GLN D 81 -7.24 44.74 -8.00
C GLN D 81 -6.48 44.81 -6.67
N ALA D 82 -6.45 43.68 -5.96
CA ALA D 82 -5.84 43.65 -4.64
C ALA D 82 -4.32 43.72 -4.73
N THR D 83 -3.71 44.13 -3.63
CA THR D 83 -2.25 44.22 -3.56
C THR D 83 -1.63 42.83 -3.44
N ASN D 84 -0.56 42.60 -4.20
CA ASN D 84 0.12 41.31 -4.16
C ASN D 84 0.83 41.14 -2.82
N ASP D 85 0.48 40.08 -2.09
CA ASP D 85 1.11 39.77 -0.82
C ASP D 85 2.17 38.71 -1.03
N PRO D 86 3.44 38.99 -0.74
CA PRO D 86 4.51 38.01 -0.96
C PRO D 86 4.37 36.82 -0.03
N PRO D 87 4.87 35.65 -0.42
CA PRO D 87 4.72 34.46 0.41
C PRO D 87 5.88 34.22 1.35
N GLU D 88 5.62 33.44 2.39
CA GLU D 88 6.63 32.93 3.30
C GLU D 88 6.87 31.46 2.99
N VAL D 89 8.12 31.07 2.84
CA VAL D 89 8.49 29.74 2.41
C VAL D 89 9.34 29.08 3.49
N THR D 90 8.97 27.86 3.87
CA THR D 90 9.74 27.03 4.78
C THR D 90 9.83 25.63 4.22
N VAL D 91 10.98 24.97 4.41
CA VAL D 91 11.21 23.61 3.93
C VAL D 91 11.62 22.75 5.11
N PHE D 92 11.01 21.58 5.24
CA PHE D 92 11.29 20.68 6.34
C PHE D 92 10.96 19.25 5.92
N PRO D 93 11.67 18.26 6.42
CA PRO D 93 11.37 16.88 6.06
C PRO D 93 10.24 16.30 6.88
N LYS D 94 9.55 15.31 6.31
CA LYS D 94 8.42 14.70 7.00
C LYS D 94 8.90 13.78 8.12
N GLU D 95 9.87 12.92 7.83
CA GLU D 95 10.42 11.98 8.79
C GLU D 95 11.79 12.43 9.27
N PRO D 96 12.26 11.92 10.41
CA PRO D 96 13.63 12.24 10.86
C PRO D 96 14.65 11.85 9.81
N VAL D 97 15.58 12.77 9.53
CA VAL D 97 16.53 12.57 8.45
C VAL D 97 17.54 11.51 8.86
N GLU D 98 17.59 10.43 8.08
CA GLU D 98 18.61 9.40 8.23
C GLU D 98 19.08 8.99 6.84
N LEU D 99 20.40 9.05 6.64
CA LEU D 99 20.96 8.79 5.33
C LEU D 99 20.64 7.37 4.87
N GLY D 100 20.20 7.24 3.62
CA GLY D 100 19.83 5.96 3.06
C GLY D 100 18.41 5.52 3.34
N GLN D 101 17.65 6.27 4.13
CA GLN D 101 16.28 5.93 4.47
C GLN D 101 15.33 6.90 3.77
N PRO D 102 14.54 6.46 2.79
CA PRO D 102 13.72 7.39 2.01
C PRO D 102 12.80 8.23 2.88
N ASN D 103 12.64 9.49 2.47
CA ASN D 103 11.90 10.48 3.24
C ASN D 103 11.11 11.35 2.26
N THR D 104 10.36 12.30 2.81
CA THR D 104 9.59 13.27 2.03
C THR D 104 9.98 14.67 2.46
N LEU D 105 10.29 15.53 1.49
CA LEU D 105 10.63 16.93 1.75
C LEU D 105 9.39 17.78 1.50
N ILE D 106 8.98 18.54 2.52
CA ILE D 106 7.77 19.35 2.47
C ILE D 106 8.18 20.81 2.30
N CYS D 107 7.65 21.47 1.29
CA CYS D 107 7.84 22.90 1.08
C CYS D 107 6.50 23.59 1.33
N HIS D 108 6.47 24.45 2.35
CA HIS D 108 5.24 25.12 2.78
C HIS D 108 5.30 26.58 2.35
N ILE D 109 4.43 26.96 1.41
CA ILE D 109 4.26 28.34 0.98
C ILE D 109 3.04 28.91 1.70
N ASP D 110 3.21 30.06 2.34
CA ASP D 110 2.19 30.56 3.26
C ASP D 110 2.02 32.07 3.12
N LYS D 111 0.80 32.53 3.38
CA LYS D 111 0.49 33.96 3.55
C LYS D 111 0.70 34.74 2.25
N PHE D 112 0.17 34.22 1.15
CA PHE D 112 0.30 34.87 -0.15
C PHE D 112 -1.07 35.07 -0.79
N PHE D 113 -1.17 36.13 -1.60
CA PHE D 113 -2.35 36.48 -2.36
C PHE D 113 -1.86 37.32 -3.51
N PRO D 114 -2.37 37.10 -4.74
CA PRO D 114 -3.43 36.16 -5.14
C PRO D 114 -2.99 34.70 -5.15
N PRO D 115 -3.93 33.76 -5.21
CA PRO D 115 -3.56 32.34 -5.36
C PRO D 115 -3.03 32.05 -6.76
N VAL D 116 -1.92 32.69 -7.11
CA VAL D 116 -1.28 32.55 -8.41
C VAL D 116 0.19 32.26 -8.13
N LEU D 117 0.61 31.02 -8.35
CA LEU D 117 1.91 30.59 -7.86
C LEU D 117 2.52 29.55 -8.79
N ASN D 118 3.84 29.65 -8.98
CA ASN D 118 4.64 28.64 -9.64
C ASN D 118 5.64 28.09 -8.62
N VAL D 119 5.63 26.78 -8.42
CA VAL D 119 6.55 26.12 -7.51
C VAL D 119 7.30 25.03 -8.25
N THR D 120 8.60 24.91 -7.98
CA THR D 120 9.44 23.91 -8.64
C THR D 120 10.56 23.50 -7.69
N TRP D 121 10.85 22.19 -7.67
CA TRP D 121 11.93 21.65 -6.86
C TRP D 121 13.25 21.70 -7.62
N LEU D 122 14.34 21.78 -6.86
CA LEU D 122 15.70 21.79 -7.42
C LEU D 122 16.60 20.96 -6.53
N CYS D 123 17.14 19.87 -7.07
CA CYS D 123 18.13 19.05 -6.38
C CYS D 123 19.49 19.28 -7.04
N ASN D 124 20.45 19.79 -6.26
CA ASN D 124 21.78 20.13 -6.76
C ASN D 124 21.71 21.12 -7.92
N GLY D 125 20.68 21.97 -7.94
CA GLY D 125 20.56 23.01 -8.93
C GLY D 125 19.85 22.65 -10.21
N GLU D 126 19.45 21.39 -10.39
CA GLU D 126 18.74 20.99 -11.60
C GLU D 126 17.31 20.56 -11.26
N LEU D 127 16.47 20.54 -12.29
CA LEU D 127 15.04 20.37 -12.10
C LEU D 127 14.69 18.94 -11.75
N VAL D 128 13.78 18.78 -10.80
CA VAL D 128 13.24 17.49 -10.38
C VAL D 128 11.78 17.44 -10.80
N THR D 129 11.44 16.47 -11.66
CA THR D 129 10.10 16.35 -12.18
C THR D 129 9.34 15.11 -11.70
N GLU D 130 10.04 14.10 -11.19
CA GLU D 130 9.42 12.87 -10.74
C GLU D 130 9.47 12.76 -9.22
N GLY D 131 8.48 12.07 -8.66
CA GLY D 131 8.35 11.96 -7.22
C GLY D 131 7.79 13.19 -6.54
N VAL D 132 7.22 14.12 -7.29
CA VAL D 132 6.74 15.39 -6.75
C VAL D 132 5.23 15.33 -6.60
N ALA D 133 4.72 16.10 -5.63
CA ALA D 133 3.29 16.20 -5.38
C ALA D 133 3.01 17.56 -4.77
N GLU D 134 1.77 18.02 -4.93
CA GLU D 134 1.39 19.33 -4.44
C GLU D 134 -0.04 19.32 -3.93
N SER D 135 -0.27 20.05 -2.85
CA SER D 135 -1.61 20.26 -2.32
C SER D 135 -2.34 21.34 -3.14
N LEU D 136 -3.59 21.59 -2.78
CA LEU D 136 -4.35 22.66 -3.40
C LEU D 136 -3.92 24.01 -2.83
N PHE D 137 -4.53 25.08 -3.35
CA PHE D 137 -4.40 26.41 -2.75
C PHE D 137 -5.33 26.46 -1.55
N LEU D 138 -4.78 26.20 -0.37
CA LEU D 138 -5.60 26.11 0.84
C LEU D 138 -5.95 27.51 1.36
N PRO D 139 -7.15 27.69 1.90
CA PRO D 139 -7.56 29.01 2.37
C PRO D 139 -7.19 29.27 3.82
N ARG D 140 -6.97 30.55 4.12
CA ARG D 140 -6.67 31.00 5.47
C ARG D 140 -7.79 31.90 5.97
N THR D 141 -7.90 31.99 7.30
CA THR D 141 -8.96 32.79 7.90
C THR D 141 -8.83 34.27 7.53
N ASP D 142 -7.61 34.74 7.30
CA ASP D 142 -7.39 36.11 6.87
C ASP D 142 -7.48 36.27 5.35
N TYR D 143 -8.11 35.32 4.67
CA TYR D 143 -8.46 35.40 3.26
C TYR D 143 -7.24 35.44 2.35
N SER D 144 -6.09 35.01 2.86
CA SER D 144 -4.93 34.72 2.03
C SER D 144 -4.90 33.21 1.77
N PHE D 145 -3.82 32.74 1.15
CA PHE D 145 -3.73 31.33 0.77
C PHE D 145 -2.37 30.76 1.16
N HIS D 146 -2.35 29.45 1.40
CA HIS D 146 -1.11 28.71 1.62
C HIS D 146 -1.20 27.39 0.88
N LYS D 147 -0.02 26.81 0.60
CA LYS D 147 0.06 25.65 -0.26
C LYS D 147 1.23 24.77 0.17
N PHE D 148 1.06 23.45 -0.03
CA PHE D 148 2.08 22.47 0.31
C PHE D 148 2.64 21.85 -0.98
N HIS D 149 3.94 21.59 -0.97
CA HIS D 149 4.62 20.89 -2.06
C HIS D 149 5.53 19.83 -1.48
N TYR D 150 5.43 18.61 -2.04
CA TYR D 150 6.11 17.45 -1.49
C TYR D 150 7.11 16.90 -2.51
N LEU D 151 8.13 16.23 -2.00
CA LEU D 151 9.16 15.61 -2.83
C LEU D 151 9.72 14.41 -2.09
N THR D 152 9.62 13.23 -2.69
CA THR D 152 10.19 12.02 -2.12
C THR D 152 11.64 11.90 -2.56
N PHE D 153 12.52 11.66 -1.60
CA PHE D 153 13.95 11.65 -1.85
C PHE D 153 14.62 10.69 -0.87
N VAL D 154 15.91 10.46 -1.10
CA VAL D 154 16.74 9.69 -0.18
C VAL D 154 17.82 10.62 0.36
N PRO D 155 17.87 10.85 1.68
CA PRO D 155 18.84 11.81 2.22
C PRO D 155 20.28 11.39 1.96
N SER D 156 21.03 12.27 1.31
CA SER D 156 22.44 12.06 1.03
C SER D 156 23.22 13.29 1.47
N ALA D 157 24.48 13.08 1.84
CA ALA D 157 25.33 14.19 2.27
C ALA D 157 25.78 15.05 1.09
N GLU D 158 25.79 14.52 -0.12
CA GLU D 158 26.18 15.30 -1.29
C GLU D 158 25.07 16.23 -1.75
N ASP D 159 23.82 15.78 -1.65
CA ASP D 159 22.70 16.50 -2.24
C ASP D 159 22.30 17.69 -1.38
N PHE D 160 21.84 18.75 -2.06
CA PHE D 160 21.21 19.90 -1.43
C PHE D 160 20.02 20.32 -2.27
N TYR D 161 18.94 20.72 -1.62
CA TYR D 161 17.67 20.97 -2.29
C TYR D 161 17.27 22.43 -2.16
N ASP D 162 16.45 22.87 -3.12
CA ASP D 162 15.90 24.22 -3.14
C ASP D 162 14.43 24.15 -3.52
N CYS D 163 13.63 25.03 -2.94
CA CYS D 163 12.23 25.19 -3.29
C CYS D 163 12.09 26.56 -3.95
N ARG D 164 11.95 26.56 -5.28
CA ARG D 164 11.92 27.79 -6.06
C ARG D 164 10.47 28.21 -6.26
N VAL D 165 10.10 29.35 -5.67
CA VAL D 165 8.73 29.85 -5.68
C VAL D 165 8.68 31.14 -6.48
N GLU D 166 7.69 31.24 -7.37
CA GLU D 166 7.46 32.43 -8.16
C GLU D 166 6.08 33.01 -7.83
N HIS D 167 6.04 34.30 -7.53
CA HIS D 167 4.78 34.96 -7.18
C HIS D 167 4.85 36.41 -7.64
N TRP D 168 3.68 36.99 -7.92
CA TRP D 168 3.62 38.37 -8.39
C TRP D 168 4.11 39.35 -7.34
N GLY D 169 4.05 39.00 -6.07
CA GLY D 169 4.52 39.87 -5.01
C GLY D 169 6.01 39.83 -4.75
N LEU D 170 6.76 39.04 -5.52
CA LEU D 170 8.20 38.92 -5.35
C LEU D 170 8.92 39.56 -6.54
N ASP D 171 9.98 40.31 -6.25
CA ASP D 171 10.77 40.91 -7.32
C ASP D 171 11.51 39.84 -8.12
N GLN D 172 12.10 38.87 -7.43
CA GLN D 172 12.83 37.77 -8.03
C GLN D 172 12.34 36.47 -7.43
N PRO D 173 12.53 35.35 -8.14
CA PRO D 173 12.13 34.05 -7.58
C PRO D 173 12.85 33.76 -6.27
N LEU D 174 12.10 33.21 -5.32
CA LEU D 174 12.61 32.93 -3.99
C LEU D 174 13.15 31.50 -3.94
N LEU D 175 14.40 31.36 -3.49
CA LEU D 175 15.02 30.06 -3.31
C LEU D 175 15.11 29.76 -1.82
N LYS D 176 14.46 28.68 -1.39
CA LYS D 176 14.53 28.23 0.00
C LYS D 176 15.43 27.01 0.05
N HIS D 177 16.61 27.18 0.64
CA HIS D 177 17.62 26.13 0.67
C HIS D 177 17.33 25.15 1.80
N TRP D 178 17.65 23.88 1.56
CA TRP D 178 17.56 22.85 2.59
C TRP D 178 18.62 21.79 2.33
N GLU D 179 19.19 21.27 3.41
CA GLU D 179 20.17 20.19 3.31
C GLU D 179 20.18 19.44 4.63
N ALA D 180 20.66 18.20 4.58
CA ALA D 180 20.75 17.37 5.76
C ALA D 180 21.99 17.73 6.59
N THR E 3 2.27 43.68 -13.36
CA THR E 3 1.37 42.70 -12.77
C THR E 3 0.12 42.52 -13.64
N PRO E 4 -0.18 41.28 -13.99
CA PRO E 4 -1.35 41.02 -14.84
C PRO E 4 -2.65 41.38 -14.14
N GLU E 5 -3.69 41.52 -14.96
CA GLU E 5 -5.03 41.85 -14.47
C GLU E 5 -5.66 40.60 -13.85
N ASN E 6 -6.09 40.71 -12.60
CA ASN E 6 -6.63 39.55 -11.88
C ASN E 6 -7.59 40.01 -10.80
N TYR E 7 -8.79 39.45 -10.79
CA TYR E 7 -9.79 39.73 -9.77
C TYR E 7 -10.29 38.41 -9.19
N LEU E 8 -10.50 38.38 -7.88
CA LEU E 8 -10.86 37.16 -7.17
C LEU E 8 -12.12 37.36 -6.35
N PHE E 9 -12.96 36.32 -6.32
CA PHE E 9 -14.11 36.26 -5.42
C PHE E 9 -14.06 34.92 -4.69
N GLN E 10 -14.27 34.95 -3.38
CA GLN E 10 -14.26 33.73 -2.59
C GLN E 10 -15.36 33.77 -1.53
N GLY E 11 -15.74 32.60 -1.06
CA GLY E 11 -16.78 32.48 -0.06
C GLY E 11 -16.48 31.35 0.90
N ARG E 12 -17.01 31.48 2.11
CA ARG E 12 -16.81 30.50 3.17
C ARG E 12 -18.16 30.07 3.73
N GLN E 13 -18.30 28.77 3.97
CA GLN E 13 -19.49 28.19 4.62
C GLN E 13 -18.98 27.41 5.84
N GLU E 14 -18.91 28.10 6.97
CA GLU E 14 -18.25 27.59 8.17
C GLU E 14 -19.28 27.06 9.16
N CYS E 15 -19.01 25.89 9.72
CA CYS E 15 -19.82 25.30 10.78
C CYS E 15 -19.00 25.25 12.06
N TYR E 16 -19.56 25.78 13.15
CA TYR E 16 -18.89 25.83 14.44
C TYR E 16 -19.64 24.91 15.41
N ALA E 17 -18.99 23.82 15.81
CA ALA E 17 -19.56 22.85 16.72
C ALA E 17 -18.95 23.00 18.10
N PHE E 18 -19.80 23.13 19.12
CA PHE E 18 -19.32 23.36 20.48
C PHE E 18 -20.43 23.01 21.46
N ASN E 19 -20.20 22.00 22.30
CA ASN E 19 -21.14 21.60 23.35
C ASN E 19 -22.50 21.23 22.75
N GLY E 20 -22.48 20.53 21.63
CA GLY E 20 -23.70 20.04 21.01
C GLY E 20 -24.49 21.05 20.21
N THR E 21 -23.91 22.20 19.91
CA THR E 21 -24.58 23.22 19.10
C THR E 21 -23.87 23.37 17.77
N GLN E 22 -24.54 24.06 16.84
CA GLN E 22 -23.99 24.33 15.52
C GLN E 22 -24.25 25.79 15.17
N ARG E 23 -23.19 26.49 14.78
CA ARG E 23 -23.28 27.90 14.37
C ARG E 23 -22.73 28.03 12.96
N PHE E 24 -23.54 28.56 12.06
CA PHE E 24 -23.20 28.66 10.64
C PHE E 24 -22.90 30.10 10.28
N LEU E 25 -21.76 30.32 9.65
CA LEU E 25 -21.38 31.62 9.10
C LEU E 25 -21.11 31.46 7.61
N GLU E 26 -21.66 32.38 6.82
CA GLU E 26 -21.46 32.39 5.38
C GLU E 26 -20.84 33.74 5.00
N ARG E 27 -19.60 33.70 4.52
CA ARG E 27 -18.86 34.90 4.20
C ARG E 27 -18.78 35.10 2.69
N TYR E 28 -18.89 36.35 2.25
CA TYR E 28 -18.73 36.73 0.86
C TYR E 28 -17.58 37.71 0.77
N ILE E 29 -16.52 37.33 0.08
CA ILE E 29 -15.27 38.07 0.05
C ILE E 29 -14.93 38.42 -1.39
N TYR E 30 -14.39 39.63 -1.58
CA TYR E 30 -13.85 40.06 -2.87
C TYR E 30 -12.45 40.61 -2.62
N ASN E 31 -11.43 39.86 -3.07
CA ASN E 31 -10.03 40.28 -2.96
C ASN E 31 -9.66 40.56 -1.50
N ARG E 32 -9.78 39.53 -0.67
CA ARG E 32 -9.45 39.55 0.76
C ARG E 32 -10.31 40.51 1.55
N GLU E 33 -11.38 41.06 0.96
CA GLU E 33 -12.26 42.00 1.65
C GLU E 33 -13.62 41.33 1.82
N GLU E 34 -13.92 40.90 3.04
CA GLU E 34 -15.24 40.38 3.37
C GLU E 34 -16.23 41.53 3.40
N PHE E 35 -17.17 41.53 2.45
CA PHE E 35 -18.15 42.61 2.36
C PHE E 35 -19.53 42.21 2.85
N ALA E 36 -19.87 40.92 2.82
CA ALA E 36 -21.18 40.45 3.27
C ALA E 36 -20.99 39.21 4.11
N ARG E 37 -21.92 38.99 5.04
CA ARG E 37 -21.82 37.85 5.94
C ARG E 37 -23.21 37.51 6.47
N PHE E 38 -23.47 36.22 6.64
CA PHE E 38 -24.65 35.72 7.35
C PHE E 38 -24.18 34.98 8.59
N ASP E 39 -24.74 35.36 9.74
CA ASP E 39 -24.42 34.75 11.01
C ASP E 39 -25.67 34.10 11.58
N SER E 40 -25.57 32.81 11.93
CA SER E 40 -26.74 32.09 12.42
C SER E 40 -27.22 32.67 13.76
N ASP E 41 -26.30 33.22 14.55
CA ASP E 41 -26.70 33.88 15.79
C ASP E 41 -27.34 35.24 15.55
N VAL E 42 -27.10 35.86 14.39
CA VAL E 42 -27.76 37.11 14.04
C VAL E 42 -29.09 36.85 13.36
N GLY E 43 -29.12 35.89 12.43
CA GLY E 43 -30.34 35.50 11.76
C GLY E 43 -30.56 36.15 10.41
N GLU E 44 -29.85 37.25 10.11
CA GLU E 44 -30.03 37.95 8.86
C GLU E 44 -28.66 38.33 8.29
N PHE E 45 -28.63 38.59 6.99
CA PHE E 45 -27.38 38.94 6.33
C PHE E 45 -26.87 40.29 6.81
N ARG E 46 -25.56 40.35 7.07
CA ARG E 46 -24.91 41.53 7.62
C ARG E 46 -23.95 42.11 6.59
N ALA E 47 -23.96 43.43 6.45
CA ALA E 47 -23.02 44.12 5.58
C ALA E 47 -21.75 44.42 6.37
N VAL E 48 -20.64 43.81 5.94
CA VAL E 48 -19.39 43.97 6.68
C VAL E 48 -18.65 45.24 6.25
N THR E 49 -18.87 45.69 5.02
CA THR E 49 -18.29 46.94 4.54
C THR E 49 -19.31 47.61 3.61
N GLU E 50 -18.98 48.84 3.21
CA GLU E 50 -19.87 49.60 2.33
C GLU E 50 -20.06 48.89 0.99
N LEU E 51 -19.06 48.13 0.55
CA LEU E 51 -19.16 47.41 -0.72
C LEU E 51 -20.29 46.39 -0.73
N GLY E 52 -20.73 45.93 0.44
CA GLY E 52 -21.73 44.89 0.51
C GLY E 52 -23.09 45.33 1.05
N ARG E 53 -23.35 46.65 1.07
CA ARG E 53 -24.66 47.10 1.53
C ARG E 53 -25.77 46.71 0.55
N PRO E 54 -25.68 46.99 -0.75
CA PRO E 54 -26.77 46.58 -1.65
C PRO E 54 -26.95 45.07 -1.70
N ALA E 55 -25.89 44.30 -1.47
CA ALA E 55 -26.02 42.85 -1.45
C ALA E 55 -26.78 42.37 -0.22
N ALA E 56 -26.48 42.96 0.94
CA ALA E 56 -27.17 42.55 2.16
C ALA E 56 -28.61 43.03 2.17
N GLU E 57 -28.87 44.21 1.61
CA GLU E 57 -30.23 44.73 1.58
C GLU E 57 -31.12 43.91 0.67
N TYR E 58 -30.61 43.49 -0.48
CA TYR E 58 -31.40 42.66 -1.37
C TYR E 58 -31.62 41.26 -0.80
N TRP E 59 -30.64 40.75 -0.04
CA TRP E 59 -30.76 39.40 0.50
C TRP E 59 -31.75 39.35 1.66
N ASN E 60 -31.86 40.43 2.44
CA ASN E 60 -32.78 40.43 3.58
C ASN E 60 -34.23 40.56 3.15
N SER E 61 -34.50 41.12 1.97
CA SER E 61 -35.87 41.19 1.48
C SER E 61 -36.39 39.81 1.06
N GLN E 62 -35.52 38.97 0.51
CA GLN E 62 -35.90 37.64 0.06
C GLN E 62 -36.10 36.73 1.27
N LYS E 63 -37.36 36.57 1.70
CA LYS E 63 -37.66 35.57 2.71
C LYS E 63 -37.34 34.17 2.25
N ASP E 64 -37.26 33.95 0.92
CA ASP E 64 -36.86 32.65 0.40
C ASP E 64 -35.42 32.32 0.79
N ILE E 65 -34.56 33.33 0.88
CA ILE E 65 -33.16 33.08 1.20
C ILE E 65 -32.95 33.03 2.71
N LEU E 66 -33.56 33.96 3.44
CA LEU E 66 -33.43 33.98 4.90
C LEU E 66 -34.01 32.73 5.55
N GLU E 67 -34.97 32.07 4.90
CA GLU E 67 -35.54 30.85 5.45
C GLU E 67 -34.58 29.67 5.28
N GLU E 68 -33.88 29.61 4.13
CA GLU E 68 -32.98 28.49 3.88
C GLU E 68 -31.72 28.59 4.73
N LYS E 69 -31.23 29.81 4.95
CA LYS E 69 -29.97 29.96 5.68
C LYS E 69 -30.12 29.65 7.16
N ARG E 70 -31.29 29.92 7.74
CA ARG E 70 -31.50 29.63 9.15
C ARG E 70 -31.65 28.14 9.42
N ALA E 71 -31.93 27.34 8.40
CA ALA E 71 -32.00 25.89 8.53
C ALA E 71 -30.65 25.22 8.28
N VAL E 72 -29.64 25.97 7.86
CA VAL E 72 -28.32 25.38 7.58
C VAL E 72 -27.68 24.78 8.84
N PRO E 73 -27.68 25.44 10.01
CA PRO E 73 -27.06 24.81 11.19
C PRO E 73 -27.62 23.45 11.54
N ASP E 74 -28.83 23.12 11.10
CA ASP E 74 -29.42 21.82 11.36
C ASP E 74 -29.45 20.91 10.14
N ARG E 75 -29.62 21.48 8.94
CA ARG E 75 -29.67 20.66 7.73
C ARG E 75 -28.28 20.19 7.31
N MET E 76 -27.29 21.08 7.35
CA MET E 76 -25.96 20.77 6.85
C MET E 76 -24.91 20.62 7.95
N CYS E 77 -24.84 21.57 8.89
CA CYS E 77 -23.79 21.54 9.89
C CYS E 77 -23.92 20.33 10.80
N ARG E 78 -25.11 20.12 11.37
CA ARG E 78 -25.31 18.97 12.25
C ARG E 78 -25.24 17.65 11.49
N HIS E 79 -25.65 17.64 10.23
CA HIS E 79 -25.62 16.41 9.44
C HIS E 79 -24.18 15.97 9.18
N ASN E 80 -23.32 16.89 8.74
CA ASN E 80 -21.94 16.53 8.43
C ASN E 80 -21.14 16.27 9.71
N TYR E 81 -21.47 16.95 10.80
CA TYR E 81 -20.71 16.79 12.04
C TYR E 81 -20.91 15.39 12.62
N GLU E 82 -22.12 14.85 12.53
CA GLU E 82 -22.38 13.51 13.04
C GLU E 82 -21.95 12.44 12.04
N LEU E 83 -21.97 12.75 10.74
CA LEU E 83 -21.61 11.76 9.73
C LEU E 83 -20.11 11.49 9.73
N GLY E 84 -19.31 12.56 9.74
CA GLY E 84 -17.87 12.45 9.78
C GLY E 84 -17.28 12.15 11.13
N GLY E 85 -18.10 11.74 12.09
CA GLY E 85 -17.65 11.41 13.43
C GLY E 85 -16.55 10.37 13.48
N PRO E 86 -16.84 9.16 12.99
CA PRO E 86 -15.83 8.09 13.08
C PRO E 86 -14.56 8.37 12.28
N MET E 87 -14.67 9.06 11.15
CA MET E 87 -13.52 9.25 10.27
C MET E 87 -12.71 10.50 10.61
N THR E 88 -13.35 11.55 11.13
CA THR E 88 -12.67 12.81 11.39
C THR E 88 -12.55 13.10 12.88
N LEU E 89 -13.65 13.11 13.62
CA LEU E 89 -13.61 13.42 15.05
C LEU E 89 -12.83 12.37 15.82
N GLN E 90 -13.14 11.09 15.59
CA GLN E 90 -12.48 9.99 16.30
C GLN E 90 -11.29 9.43 15.53
N ARG E 91 -10.62 10.24 14.72
CA ARG E 91 -9.43 9.79 14.02
C ARG E 91 -8.24 9.83 14.96
N ARG E 92 -7.60 8.68 15.17
CA ARG E 92 -6.45 8.57 16.06
C ARG E 92 -5.30 7.94 15.30
N VAL E 93 -4.16 8.62 15.28
CA VAL E 93 -2.94 8.11 14.65
C VAL E 93 -1.84 8.14 15.70
N GLN E 94 -1.28 6.96 15.99
CA GLN E 94 -0.23 6.86 16.98
C GLN E 94 1.06 7.49 16.44
N PRO E 95 1.73 8.33 17.21
CA PRO E 95 2.94 8.99 16.71
C PRO E 95 4.14 8.05 16.73
N ARG E 96 5.17 8.46 16.00
CA ARG E 96 6.45 7.77 15.95
C ARG E 96 7.50 8.64 16.62
N VAL E 97 8.28 8.05 17.53
CA VAL E 97 9.27 8.77 18.32
C VAL E 97 10.66 8.35 17.88
N ASN E 98 11.56 9.33 17.77
CA ASN E 98 12.94 9.09 17.39
C ASN E 98 13.85 10.04 18.17
N VAL E 99 14.98 9.53 18.64
CA VAL E 99 15.94 10.30 19.42
C VAL E 99 17.29 10.26 18.72
N SER E 100 17.88 11.43 18.48
CA SER E 100 19.15 11.58 17.81
C SER E 100 19.95 12.67 18.49
N PRO E 101 21.28 12.59 18.46
CA PRO E 101 22.11 13.62 19.10
C PRO E 101 22.51 14.78 18.19
N SER E 102 22.11 14.78 16.93
CA SER E 102 22.45 15.83 15.97
C SER E 102 23.97 16.00 15.85
N ASN E 111 25.98 20.50 22.12
CA ASN E 111 25.51 19.12 22.09
C ASN E 111 24.08 19.03 22.60
N LEU E 112 23.15 18.74 21.69
CA LEU E 112 21.73 18.66 22.01
C LEU E 112 21.22 17.24 21.77
N LEU E 113 19.97 17.01 22.19
CA LEU E 113 19.29 15.74 21.98
C LEU E 113 17.91 16.03 21.42
N VAL E 114 17.60 15.44 20.27
CA VAL E 114 16.41 15.78 19.50
C VAL E 114 15.41 14.64 19.59
N CYS E 115 14.25 14.92 20.20
CA CYS E 115 13.13 14.00 20.22
C CYS E 115 12.16 14.41 19.12
N HIS E 116 12.12 13.62 18.05
CA HIS E 116 11.36 13.95 16.84
C HIS E 116 10.09 13.10 16.83
N VAL E 117 8.96 13.71 17.20
CA VAL E 117 7.67 13.04 17.20
C VAL E 117 6.98 13.31 15.88
N THR E 118 6.69 12.25 15.12
CA THR E 118 6.18 12.38 13.76
C THR E 118 4.91 11.58 13.58
N ASP E 119 4.06 12.07 12.66
CA ASP E 119 2.90 11.34 12.13
C ASP E 119 1.90 10.99 13.24
N PHE E 120 1.23 12.03 13.71
CA PHE E 120 0.09 11.89 14.62
C PHE E 120 -0.97 12.89 14.19
N TYR E 121 -2.25 12.51 14.31
CA TYR E 121 -3.26 13.44 13.82
C TYR E 121 -3.78 14.38 14.91
N PRO E 122 -4.31 13.90 16.03
CA PRO E 122 -4.81 14.84 17.06
C PRO E 122 -3.71 15.79 17.50
N GLY E 123 -3.91 17.07 17.22
CA GLY E 123 -2.84 18.04 17.39
C GLY E 123 -2.35 18.16 18.82
N SER E 124 -3.27 18.10 19.78
CA SER E 124 -2.90 18.23 21.17
C SER E 124 -1.96 17.11 21.59
N ILE E 125 -0.75 17.49 22.00
CA ILE E 125 0.28 16.53 22.42
C ILE E 125 1.21 17.23 23.39
N GLN E 126 1.80 16.45 24.29
CA GLN E 126 2.79 16.96 25.22
C GLN E 126 3.99 16.02 25.25
N VAL E 127 5.19 16.61 25.23
CA VAL E 127 6.44 15.87 25.20
C VAL E 127 7.34 16.40 26.31
N ARG E 128 7.79 15.51 27.19
CA ARG E 128 8.63 15.88 28.31
C ARG E 128 9.97 15.15 28.23
N TRP E 129 11.01 15.82 28.70
CA TRP E 129 12.35 15.25 28.76
C TRP E 129 12.67 14.82 30.18
N PHE E 130 13.28 13.63 30.30
CA PHE E 130 13.66 13.08 31.60
C PHE E 130 15.12 12.68 31.57
N LEU E 131 15.85 13.05 32.62
CA LEU E 131 17.25 12.66 32.79
C LEU E 131 17.35 11.88 34.10
N ASN E 132 17.60 10.57 33.99
CA ASN E 132 17.74 9.69 35.14
C ASN E 132 16.50 9.75 36.05
N GLY E 133 15.33 9.80 35.43
CA GLY E 133 14.07 9.77 36.16
C GLY E 133 13.53 11.13 36.58
N GLN E 134 14.30 12.20 36.43
CA GLN E 134 13.86 13.53 36.81
C GLN E 134 13.55 14.34 35.56
N GLU E 135 12.42 15.05 35.60
CA GLU E 135 12.00 15.86 34.46
C GLU E 135 12.90 17.08 34.31
N GLU E 136 13.42 17.28 33.10
CA GLU E 136 14.31 18.40 32.80
C GLU E 136 13.51 19.51 32.14
N THR E 137 13.68 20.74 32.64
CA THR E 137 13.00 21.90 32.11
C THR E 137 13.98 22.94 31.56
N ALA E 138 15.13 23.11 32.19
CA ALA E 138 16.12 24.06 31.70
C ALA E 138 16.77 23.54 30.42
N GLY E 139 16.93 24.43 29.45
CA GLY E 139 17.54 24.04 28.19
C GLY E 139 16.66 23.20 27.29
N VAL E 140 15.34 23.33 27.42
CA VAL E 140 14.39 22.59 26.60
C VAL E 140 13.80 23.54 25.58
N VAL E 141 13.97 23.21 24.29
CA VAL E 141 13.47 24.02 23.20
C VAL E 141 12.60 23.14 22.33
N SER E 142 11.30 23.43 22.27
CA SER E 142 10.35 22.68 21.46
C SER E 142 9.81 23.57 20.36
N THR E 143 9.68 23.00 19.16
CA THR E 143 9.12 23.72 18.04
C THR E 143 7.60 23.82 18.17
N ASN E 144 7.00 24.60 17.30
CA ASN E 144 5.55 24.66 17.24
C ASN E 144 4.99 23.39 16.63
N LEU E 145 3.66 23.25 16.68
CA LEU E 145 3.00 22.19 15.95
C LEU E 145 3.20 22.42 14.45
N ILE E 146 3.54 21.36 13.73
CA ILE E 146 3.87 21.44 12.31
C ILE E 146 2.83 20.63 11.55
N ARG E 147 2.05 21.30 10.71
CA ARG E 147 1.08 20.62 9.86
C ARG E 147 1.78 20.06 8.63
N ASN E 148 1.59 18.77 8.38
CA ASN E 148 2.16 18.12 7.20
C ASN E 148 1.29 18.29 5.98
N GLY E 149 0.00 18.59 6.14
CA GLY E 149 -0.95 18.58 5.06
C GLY E 149 -1.53 17.21 4.75
N ASP E 150 -0.91 16.14 5.24
CA ASP E 150 -1.41 14.78 5.08
C ASP E 150 -2.33 14.35 6.23
N TRP E 151 -3.01 15.31 6.87
CA TRP E 151 -3.75 15.06 8.09
C TRP E 151 -2.85 14.49 9.19
N THR E 152 -1.59 14.93 9.20
CA THR E 152 -0.60 14.49 10.16
C THR E 152 0.15 15.69 10.70
N PHE E 153 0.75 15.52 11.89
CA PHE E 153 1.45 16.61 12.56
C PHE E 153 2.85 16.18 12.96
N GLN E 154 3.68 17.18 13.25
CA GLN E 154 5.04 16.98 13.73
C GLN E 154 5.29 17.86 14.96
N ILE E 155 6.35 17.51 15.69
CA ILE E 155 6.87 18.37 16.74
C ILE E 155 8.27 17.88 17.09
N LEU E 156 9.17 18.82 17.31
CA LEU E 156 10.55 18.55 17.71
C LEU E 156 10.84 19.24 19.02
N VAL E 157 11.39 18.50 19.97
CA VAL E 157 11.74 19.04 21.29
C VAL E 157 13.23 18.80 21.49
N MET E 158 14.00 19.89 21.50
CA MET E 158 15.44 19.81 21.72
C MET E 158 15.75 19.86 23.21
N LEU E 159 16.90 19.30 23.58
CA LEU E 159 17.35 19.28 24.97
C LEU E 159 18.85 19.50 24.99
N GLU E 160 19.29 20.62 25.56
CA GLU E 160 20.70 20.88 25.76
C GLU E 160 21.19 20.08 26.96
N MET E 161 22.15 19.20 26.73
CA MET E 161 22.61 18.25 27.74
C MET E 161 24.10 18.41 27.99
N THR E 162 24.51 18.07 29.22
CA THR E 162 25.91 17.94 29.59
C THR E 162 26.23 16.46 29.69
N PRO E 163 26.71 15.82 28.62
CA PRO E 163 26.81 14.36 28.60
C PRO E 163 27.80 13.85 29.62
N GLN E 164 27.36 12.86 30.40
CA GLN E 164 28.21 12.15 31.35
C GLN E 164 27.93 10.66 31.22
N GLN E 165 28.99 9.85 31.34
CA GLN E 165 28.86 8.42 31.12
C GLN E 165 27.93 7.80 32.16
N GLY E 166 27.04 6.92 31.69
CA GLY E 166 26.09 6.25 32.54
C GLY E 166 24.71 6.89 32.58
N ASP E 167 24.61 8.16 32.22
CA ASP E 167 23.32 8.85 32.25
C ASP E 167 22.35 8.24 31.25
N VAL E 168 21.05 8.36 31.56
CA VAL E 168 19.99 7.81 30.72
C VAL E 168 18.99 8.94 30.46
N TYR E 169 18.99 9.45 29.23
CA TYR E 169 18.01 10.45 28.81
C TYR E 169 16.81 9.74 28.18
N THR E 170 15.63 9.99 28.70
CA THR E 170 14.41 9.38 28.20
C THR E 170 13.43 10.46 27.77
N CYS E 171 12.89 10.32 26.56
CA CYS E 171 11.86 11.22 26.04
C CYS E 171 10.52 10.51 26.10
N GLN E 172 9.58 11.04 26.87
CA GLN E 172 8.24 10.47 26.96
C GLN E 172 7.26 11.32 26.16
N VAL E 173 6.26 10.65 25.60
CA VAL E 173 5.23 11.29 24.79
C VAL E 173 3.88 10.80 25.27
N GLU E 174 3.00 11.75 25.62
CA GLU E 174 1.63 11.44 26.01
C GLU E 174 0.70 12.02 24.96
N HIS E 175 -0.17 11.17 24.40
CA HIS E 175 -1.04 11.55 23.31
C HIS E 175 -2.41 10.94 23.53
N THR E 176 -3.41 11.55 22.89
CA THR E 176 -4.79 11.05 23.01
C THR E 176 -4.94 9.69 22.36
N SER E 177 -4.13 9.39 21.35
CA SER E 177 -4.18 8.12 20.64
C SER E 177 -3.39 7.02 21.32
N LEU E 178 -2.88 7.25 22.53
CA LEU E 178 -2.03 6.29 23.23
C LEU E 178 -2.66 5.92 24.56
N ASP E 179 -2.81 4.62 24.80
CA ASP E 179 -3.27 4.17 26.11
C ASP E 179 -2.20 4.39 27.16
N SER E 180 -0.94 4.11 26.82
CA SER E 180 0.19 4.28 27.71
C SER E 180 1.21 5.24 27.09
N PRO E 181 1.90 6.03 27.90
CA PRO E 181 2.92 6.94 27.36
C PRO E 181 4.09 6.17 26.77
N VAL E 182 4.53 6.60 25.60
CA VAL E 182 5.66 5.98 24.91
C VAL E 182 6.95 6.66 25.34
N THR E 183 7.98 5.86 25.60
CA THR E 183 9.28 6.38 26.03
C THR E 183 10.38 5.80 25.16
N VAL E 184 11.36 6.64 24.81
CA VAL E 184 12.55 6.23 24.11
C VAL E 184 13.75 6.74 24.90
N GLU E 185 14.74 5.88 25.11
CA GLU E 185 15.87 6.20 25.97
C GLU E 185 17.16 6.35 25.16
N TRP E 186 18.12 7.02 25.76
CA TRP E 186 19.41 7.32 25.12
C TRP E 186 20.54 6.96 26.08
N LYS E 187 21.70 6.64 25.52
CA LYS E 187 22.84 6.16 26.30
C LYS E 187 23.38 7.20 27.28
N THR F 3 -22.59 7.08 2.20
CA THR F 3 -23.55 8.15 2.48
C THR F 3 -23.19 9.41 1.70
N GLY F 4 -23.89 10.49 1.98
CA GLY F 4 -23.68 11.75 1.27
C GLY F 4 -23.45 12.89 2.23
N LEU F 5 -22.50 13.75 1.86
CA LEU F 5 -22.19 14.93 2.66
C LEU F 5 -23.02 16.12 2.17
N ALA F 6 -23.69 16.79 3.10
CA ALA F 6 -24.59 17.87 2.74
C ALA F 6 -23.79 19.09 2.26
N TRP F 7 -24.43 19.88 1.39
CA TRP F 7 -23.83 21.10 0.87
C TRP F 7 -24.89 22.20 0.86
N GLU F 8 -24.43 23.43 0.67
CA GLU F 8 -25.29 24.60 0.71
C GLU F 8 -25.06 25.46 -0.53
N TRP F 9 -26.11 26.15 -0.94
CA TRP F 9 -26.07 27.05 -2.10
C TRP F 9 -25.56 28.43 -1.68
N TRP F 10 -24.54 28.92 -2.38
CA TRP F 10 -24.20 30.33 -2.26
C TRP F 10 -25.20 31.16 -3.07
N ARG F 11 -25.33 32.43 -2.67
CA ARG F 11 -26.33 33.31 -3.24
C ARG F 11 -25.69 34.35 -4.14
N THR F 12 -26.48 34.91 -5.05
CA THR F 12 -26.00 35.90 -6.00
C THR F 12 -26.13 37.30 -5.41
N VAL F 13 -25.29 38.20 -5.93
CA VAL F 13 -25.10 39.52 -5.36
C VAL F 13 -25.72 40.57 -6.26
N TYR F 14 -26.29 41.61 -5.65
CA TYR F 14 -26.84 42.75 -6.40
C TYR F 14 -25.72 43.58 -7.01
#